data_1KAM
#
_entry.id   1KAM
#
_cell.length_a   43.977
_cell.length_b   126.103
_cell.length_c   70.579
_cell.angle_alpha   90.00
_cell.angle_beta   92.73
_cell.angle_gamma   90.00
#
_symmetry.space_group_name_H-M   'P 1 21 1'
#
loop_
_entity.id
_entity.type
_entity.pdbx_description
1 polymer 'NICOTINATE-NUCLEOTIDE ADENYLYLTRANSFERASE'
2 water water
#
_entity_poly.entity_id   1
_entity_poly.type   'polypeptide(L)'
_entity_poly.pdbx_seq_one_letter_code
;HMPGGSKKIGIFGGTFDPPHNGHLLMANEVLYQAGLDEIWFMPNQIPPHKQNEDYTDSFHRVEMLKLAIQSNPSFKLELV
EMEREGPSYTFDTVSLLKQRYPNDQLFFIIGADMIEYLPKWYKLDELLNLIQFIGVKRPGFHVETPYPLLFADVPEFEVS
STMIRERFKSKKPTDYLIPDKVKKYVEENGLYES
;
_entity_poly.pdbx_strand_id   A,B,C,D
#
# COMPACT_ATOMS: atom_id res chain seq x y z
N SER A 6 12.77 -33.95 -8.58
CA SER A 6 11.70 -34.70 -7.87
C SER A 6 10.93 -33.76 -6.97
N LYS A 7 11.65 -32.92 -6.23
CA LYS A 7 11.04 -31.95 -5.33
C LYS A 7 11.29 -30.52 -5.82
N LYS A 8 10.26 -29.70 -5.74
CA LYS A 8 10.39 -28.29 -6.12
C LYS A 8 10.50 -27.53 -4.82
N ILE A 9 11.67 -26.96 -4.57
CA ILE A 9 11.96 -26.25 -3.34
C ILE A 9 12.08 -24.73 -3.43
N GLY A 10 11.35 -24.02 -2.56
CA GLY A 10 11.44 -22.57 -2.53
C GLY A 10 12.38 -22.09 -1.44
N ILE A 11 13.53 -21.53 -1.82
CA ILE A 11 14.49 -21.01 -0.85
C ILE A 11 14.03 -19.62 -0.40
N PHE A 12 13.75 -19.49 0.90
CA PHE A 12 13.25 -18.26 1.49
C PHE A 12 14.23 -17.71 2.54
N GLY A 13 15.03 -16.74 2.13
CA GLY A 13 16.01 -16.16 3.03
C GLY A 13 15.45 -15.01 3.85
N GLY A 14 16.12 -14.72 4.97
CA GLY A 14 15.68 -13.63 5.84
C GLY A 14 16.48 -13.63 7.13
N THR A 15 16.25 -12.63 8.00
CA THR A 15 16.95 -12.60 9.28
C THR A 15 16.12 -13.39 10.27
N PHE A 16 14.80 -13.35 10.07
CA PHE A 16 13.87 -14.04 10.95
C PHE A 16 14.27 -13.72 12.39
N ASP A 17 14.39 -12.43 12.66
CA ASP A 17 14.79 -11.94 13.98
C ASP A 17 13.78 -10.91 14.50
N PRO A 18 12.59 -11.37 14.87
CA PRO A 18 12.12 -12.77 14.83
C PRO A 18 11.21 -13.11 13.65
N PRO A 19 10.89 -14.40 13.49
CA PRO A 19 10.00 -14.84 12.41
C PRO A 19 8.62 -14.36 12.86
N HIS A 20 7.77 -13.99 11.92
CA HIS A 20 6.43 -13.49 12.25
C HIS A 20 5.41 -13.98 11.23
N ASN A 21 4.15 -13.63 11.45
CA ASN A 21 3.06 -14.07 10.57
C ASN A 21 3.21 -13.64 9.10
N GLY A 22 3.86 -12.50 8.87
CA GLY A 22 4.04 -12.03 7.51
C GLY A 22 4.92 -13.01 6.75
N HIS A 23 5.90 -13.58 7.44
CA HIS A 23 6.81 -14.56 6.85
C HIS A 23 6.05 -15.82 6.47
N LEU A 24 5.27 -16.31 7.42
CA LEU A 24 4.48 -17.52 7.23
C LEU A 24 3.48 -17.34 6.09
N LEU A 25 2.82 -16.18 6.07
CA LEU A 25 1.85 -15.90 5.01
C LEU A 25 2.55 -15.92 3.64
N MET A 26 3.56 -15.06 3.48
CA MET A 26 4.30 -14.98 2.21
C MET A 26 4.73 -16.38 1.75
N ALA A 27 5.37 -17.13 2.64
CA ALA A 27 5.85 -18.48 2.32
C ALA A 27 4.74 -19.43 1.83
N ASN A 28 3.58 -19.37 2.48
CA ASN A 28 2.47 -20.24 2.11
C ASN A 28 1.93 -19.85 0.74
N GLU A 29 1.82 -18.55 0.50
CA GLU A 29 1.33 -18.04 -0.77
C GLU A 29 2.24 -18.47 -1.91
N VAL A 30 3.55 -18.28 -1.75
CA VAL A 30 4.51 -18.67 -2.77
C VAL A 30 4.38 -20.18 -3.06
N LEU A 31 4.43 -20.97 -2.00
CA LEU A 31 4.32 -22.42 -2.10
C LEU A 31 3.16 -22.79 -3.03
N TYR A 32 1.98 -22.30 -2.70
CA TYR A 32 0.79 -22.57 -3.49
C TYR A 32 0.85 -21.98 -4.90
N GLN A 33 1.16 -20.70 -4.98
CA GLN A 33 1.21 -20.04 -6.28
C GLN A 33 2.27 -20.49 -7.26
N ALA A 34 3.42 -20.92 -6.76
CA ALA A 34 4.48 -21.39 -7.65
C ALA A 34 4.46 -22.90 -7.74
N GLY A 35 3.39 -23.50 -7.21
CA GLY A 35 3.25 -24.95 -7.24
C GLY A 35 4.50 -25.66 -6.71
N LEU A 36 5.02 -25.17 -5.58
CA LEU A 36 6.20 -25.76 -4.98
C LEU A 36 5.82 -26.86 -3.99
N ASP A 37 6.79 -27.65 -3.56
CA ASP A 37 6.53 -28.71 -2.61
C ASP A 37 6.85 -28.26 -1.20
N GLU A 38 7.96 -27.56 -1.05
CA GLU A 38 8.39 -27.08 0.27
C GLU A 38 9.02 -25.70 0.18
N ILE A 39 8.98 -25.00 1.30
CA ILE A 39 9.59 -23.68 1.41
C ILE A 39 10.63 -23.87 2.50
N TRP A 40 11.87 -23.48 2.21
CA TRP A 40 12.94 -23.60 3.16
C TRP A 40 13.29 -22.23 3.73
N PHE A 41 13.11 -22.06 5.03
CA PHE A 41 13.43 -20.80 5.69
C PHE A 41 14.94 -20.87 5.98
N MET A 42 15.69 -19.98 5.34
CA MET A 42 17.14 -19.96 5.46
C MET A 42 17.68 -18.71 6.17
N PRO A 43 17.96 -18.82 7.48
CA PRO A 43 18.48 -17.72 8.30
C PRO A 43 19.79 -17.25 7.72
N ASN A 44 19.96 -15.94 7.57
CA ASN A 44 21.18 -15.39 7.00
C ASN A 44 22.32 -15.35 8.03
N GLN A 45 23.53 -15.48 7.51
CA GLN A 45 24.72 -15.45 8.35
C GLN A 45 24.89 -14.06 8.93
N ILE A 46 25.38 -13.98 10.17
CA ILE A 46 25.59 -12.71 10.82
C ILE A 46 26.77 -11.97 10.19
N PRO A 47 26.50 -10.86 9.49
CA PRO A 47 27.54 -10.06 8.84
C PRO A 47 28.56 -9.55 9.85
N ASP A 57 21.45 -14.90 20.31
CA ASP A 57 22.22 -14.88 19.08
C ASP A 57 21.49 -15.67 18.01
N SER A 58 22.24 -16.42 17.20
CA SER A 58 21.63 -17.22 16.16
C SER A 58 20.84 -18.37 16.77
N PHE A 59 21.26 -18.83 17.94
CA PHE A 59 20.60 -19.92 18.64
C PHE A 59 19.12 -19.62 18.82
N HIS A 60 18.83 -18.41 19.27
CA HIS A 60 17.45 -17.98 19.52
C HIS A 60 16.61 -17.83 18.24
N ARG A 61 17.21 -17.27 17.19
CA ARG A 61 16.51 -17.11 15.93
C ARG A 61 16.09 -18.47 15.38
N VAL A 62 16.99 -19.45 15.51
CA VAL A 62 16.73 -20.79 15.02
C VAL A 62 15.60 -21.48 15.78
N GLU A 63 15.59 -21.32 17.11
CA GLU A 63 14.55 -21.92 17.91
C GLU A 63 13.19 -21.29 17.62
N MET A 64 13.15 -19.98 17.38
CA MET A 64 11.88 -19.33 17.07
C MET A 64 11.39 -19.81 15.70
N LEU A 65 12.31 -19.97 14.75
CA LEU A 65 11.96 -20.45 13.42
C LEU A 65 11.35 -21.84 13.51
N LYS A 66 12.01 -22.73 14.26
CA LYS A 66 11.49 -24.08 14.44
C LYS A 66 10.06 -24.00 14.95
N LEU A 67 9.83 -23.16 15.96
CA LEU A 67 8.50 -22.99 16.53
C LEU A 67 7.51 -22.41 15.51
N ALA A 68 7.97 -21.41 14.76
CA ALA A 68 7.11 -20.75 13.78
C ALA A 68 6.60 -21.67 12.68
N ILE A 69 7.46 -22.56 12.18
CA ILE A 69 7.06 -23.43 11.08
C ILE A 69 6.54 -24.81 11.43
N GLN A 70 6.56 -25.15 12.72
CA GLN A 70 6.10 -26.46 13.18
C GLN A 70 4.73 -26.87 12.70
N SER A 71 3.83 -25.91 12.58
CA SER A 71 2.46 -26.18 12.15
C SER A 71 2.29 -26.47 10.67
N ASN A 72 3.29 -26.14 9.87
CA ASN A 72 3.18 -26.38 8.44
C ASN A 72 4.19 -27.41 7.98
N PRO A 73 3.71 -28.58 7.53
CA PRO A 73 4.55 -29.69 7.06
C PRO A 73 5.39 -29.34 5.82
N SER A 74 4.95 -28.32 5.09
CA SER A 74 5.64 -27.90 3.88
C SER A 74 6.80 -26.95 4.16
N PHE A 75 6.91 -26.49 5.41
CA PHE A 75 7.97 -25.56 5.79
C PHE A 75 9.12 -26.29 6.45
N LYS A 76 10.33 -26.03 5.97
CA LYS A 76 11.53 -26.66 6.50
C LYS A 76 12.52 -25.59 6.89
N LEU A 77 13.46 -25.96 7.74
CA LEU A 77 14.51 -25.07 8.19
C LEU A 77 15.81 -25.42 7.45
N GLU A 78 16.49 -24.42 6.90
CA GLU A 78 17.74 -24.65 6.18
C GLU A 78 18.82 -23.80 6.81
N LEU A 79 19.76 -24.45 7.50
CA LEU A 79 20.83 -23.76 8.21
C LEU A 79 22.20 -23.71 7.55
N VAL A 80 22.28 -23.91 6.23
CA VAL A 80 23.57 -23.90 5.56
C VAL A 80 24.42 -22.64 5.85
N GLU A 81 23.79 -21.48 5.98
CA GLU A 81 24.57 -20.27 6.24
C GLU A 81 25.12 -20.20 7.66
N MET A 82 24.59 -21.05 8.55
CA MET A 82 25.05 -21.09 9.94
C MET A 82 26.33 -21.93 10.10
N GLU A 83 26.64 -22.77 9.11
CA GLU A 83 27.82 -23.64 9.15
C GLU A 83 29.19 -22.95 9.17
N ARG A 84 30.10 -23.50 9.97
CA ARG A 84 31.47 -23.00 10.08
C ARG A 84 32.04 -22.92 8.67
N GLU A 85 32.59 -21.77 8.31
CA GLU A 85 33.15 -21.55 6.97
C GLU A 85 32.06 -21.71 5.91
N GLY A 86 30.81 -21.48 6.32
CA GLY A 86 29.70 -21.61 5.39
C GLY A 86 29.55 -20.43 4.43
N PRO A 87 28.78 -20.61 3.36
CA PRO A 87 28.57 -19.56 2.36
C PRO A 87 27.64 -18.45 2.86
N SER A 88 27.78 -17.25 2.30
CA SER A 88 26.94 -16.12 2.66
C SER A 88 26.42 -15.40 1.41
N TYR A 89 27.18 -15.45 0.32
CA TYR A 89 26.74 -14.83 -0.93
C TYR A 89 25.82 -15.80 -1.65
N THR A 90 24.69 -15.31 -2.15
CA THR A 90 23.70 -16.13 -2.84
C THR A 90 24.27 -17.15 -3.82
N PHE A 91 25.16 -16.71 -4.71
CA PHE A 91 25.75 -17.63 -5.68
C PHE A 91 26.38 -18.82 -4.95
N ASP A 92 27.20 -18.53 -3.94
CA ASP A 92 27.88 -19.57 -3.16
C ASP A 92 26.90 -20.48 -2.43
N THR A 93 25.93 -19.88 -1.76
CA THR A 93 24.93 -20.63 -1.02
C THR A 93 24.12 -21.55 -1.92
N VAL A 94 23.64 -20.99 -3.02
CA VAL A 94 22.84 -21.77 -3.95
C VAL A 94 23.66 -22.87 -4.59
N SER A 95 24.90 -22.57 -4.94
CA SER A 95 25.74 -23.59 -5.57
C SER A 95 25.89 -24.80 -4.64
N LEU A 96 26.11 -24.54 -3.35
CA LEU A 96 26.26 -25.64 -2.41
C LEU A 96 24.96 -26.40 -2.24
N LEU A 97 23.83 -25.69 -2.18
CA LEU A 97 22.56 -26.36 -2.04
C LEU A 97 22.23 -27.22 -3.27
N LYS A 98 22.56 -26.74 -4.46
CA LYS A 98 22.30 -27.51 -5.67
C LYS A 98 23.12 -28.79 -5.66
N GLN A 99 24.32 -28.71 -5.10
CA GLN A 99 25.23 -29.84 -5.01
C GLN A 99 24.71 -30.89 -4.02
N ARG A 100 24.12 -30.41 -2.92
CA ARG A 100 23.58 -31.30 -1.92
C ARG A 100 22.25 -31.90 -2.32
N TYR A 101 21.55 -31.24 -3.23
CA TYR A 101 20.25 -31.72 -3.68
C TYR A 101 20.17 -31.70 -5.20
N PRO A 102 21.08 -32.45 -5.85
CA PRO A 102 21.17 -32.53 -7.32
C PRO A 102 19.92 -32.97 -8.10
N ASN A 103 19.03 -33.72 -7.46
CA ASN A 103 17.87 -34.18 -8.18
C ASN A 103 16.62 -33.35 -7.93
N ASP A 104 16.74 -32.25 -7.21
CA ASP A 104 15.59 -31.43 -6.93
C ASP A 104 15.67 -30.12 -7.71
N GLN A 105 14.53 -29.45 -7.87
CA GLN A 105 14.51 -28.16 -8.55
C GLN A 105 14.37 -27.04 -7.51
N LEU A 106 15.43 -26.24 -7.37
CA LEU A 106 15.43 -25.13 -6.41
C LEU A 106 14.98 -23.80 -7.02
N PHE A 107 14.33 -22.99 -6.20
CA PHE A 107 13.85 -21.67 -6.60
C PHE A 107 14.32 -20.67 -5.55
N PHE A 108 14.62 -19.46 -5.98
CA PHE A 108 15.06 -18.43 -5.04
C PHE A 108 14.03 -17.30 -4.96
N ILE A 109 13.53 -17.03 -3.76
CA ILE A 109 12.52 -16.00 -3.56
C ILE A 109 13.12 -14.61 -3.27
N ILE A 110 12.66 -13.60 -4.02
CA ILE A 110 13.11 -12.23 -3.84
C ILE A 110 11.92 -11.32 -4.12
N GLY A 111 12.09 -10.03 -3.84
CA GLY A 111 11.02 -9.09 -4.12
C GLY A 111 11.04 -8.93 -5.63
N ALA A 112 9.87 -8.86 -6.24
CA ALA A 112 9.79 -8.73 -7.69
C ALA A 112 10.48 -7.47 -8.24
N ASP A 113 10.63 -6.46 -7.39
CA ASP A 113 11.23 -5.20 -7.80
C ASP A 113 12.73 -5.15 -7.56
N MET A 114 13.28 -6.17 -6.90
CA MET A 114 14.70 -6.13 -6.59
C MET A 114 15.55 -5.76 -7.79
N ILE A 115 15.26 -6.40 -8.94
CA ILE A 115 16.06 -6.17 -10.15
C ILE A 115 15.40 -5.33 -11.24
N GLU A 116 14.25 -4.76 -10.95
CA GLU A 116 13.49 -3.96 -11.91
C GLU A 116 14.24 -2.77 -12.49
N TYR A 117 15.11 -2.16 -11.69
CA TYR A 117 15.84 -0.97 -12.12
C TYR A 117 17.27 -1.20 -12.60
N LEU A 118 17.72 -2.45 -12.63
CA LEU A 118 19.08 -2.73 -13.06
C LEU A 118 19.21 -2.83 -14.58
N PRO A 119 20.35 -2.38 -15.14
CA PRO A 119 20.59 -2.43 -16.58
C PRO A 119 21.17 -3.82 -16.89
N LYS A 120 21.33 -4.17 -18.15
CA LYS A 120 21.88 -5.49 -18.51
C LYS A 120 23.16 -5.74 -17.72
N TRP A 121 23.22 -6.90 -17.06
CA TRP A 121 24.37 -7.26 -16.24
C TRP A 121 24.59 -8.78 -16.23
N TYR A 122 25.72 -9.23 -16.74
CA TYR A 122 26.00 -10.66 -16.81
C TYR A 122 26.16 -11.35 -15.47
N LYS A 123 26.58 -10.61 -14.44
CA LYS A 123 26.74 -11.20 -13.13
C LYS A 123 25.37 -11.57 -12.58
N LEU A 124 24.36 -10.79 -12.97
CA LEU A 124 23.00 -11.05 -12.54
C LEU A 124 22.44 -12.19 -13.40
N ASP A 125 22.67 -12.12 -14.70
CA ASP A 125 22.18 -13.15 -15.61
C ASP A 125 22.69 -14.51 -15.14
N GLU A 126 23.95 -14.52 -14.74
CA GLU A 126 24.60 -15.74 -14.28
C GLU A 126 23.90 -16.31 -13.05
N LEU A 127 23.50 -15.43 -12.14
CA LEU A 127 22.82 -15.86 -10.93
C LEU A 127 21.42 -16.37 -11.29
N LEU A 128 20.77 -15.72 -12.25
CA LEU A 128 19.43 -16.12 -12.66
C LEU A 128 19.41 -17.45 -13.40
N ASN A 129 20.49 -17.80 -14.08
CA ASN A 129 20.57 -19.06 -14.80
C ASN A 129 20.96 -20.18 -13.86
N LEU A 130 21.54 -19.81 -12.72
CA LEU A 130 21.97 -20.79 -11.74
C LEU A 130 20.73 -21.43 -11.11
N ILE A 131 19.72 -20.62 -10.86
CA ILE A 131 18.50 -21.09 -10.20
C ILE A 131 17.29 -20.24 -10.62
N GLN A 132 16.11 -20.86 -10.63
CA GLN A 132 14.90 -20.14 -11.01
C GLN A 132 14.45 -19.17 -9.91
N PHE A 133 14.42 -17.89 -10.23
CA PHE A 133 14.00 -16.87 -9.27
C PHE A 133 12.48 -16.67 -9.29
N ILE A 134 11.92 -16.43 -8.10
CA ILE A 134 10.50 -16.16 -7.97
C ILE A 134 10.41 -14.75 -7.42
N GLY A 135 9.62 -13.90 -8.08
CA GLY A 135 9.48 -12.53 -7.62
C GLY A 135 8.15 -12.34 -6.92
N VAL A 136 8.22 -11.96 -5.65
CA VAL A 136 7.01 -11.71 -4.86
C VAL A 136 6.56 -10.27 -5.09
N LYS A 137 5.26 -10.07 -5.21
CA LYS A 137 4.73 -8.73 -5.42
C LYS A 137 3.29 -8.64 -4.92
N ARG A 138 2.78 -7.42 -4.79
CA ARG A 138 1.42 -7.22 -4.32
C ARG A 138 0.44 -7.52 -5.44
N PRO A 139 -0.80 -7.91 -5.10
CA PRO A 139 -1.81 -8.22 -6.12
C PRO A 139 -1.95 -7.04 -7.09
N GLY A 140 -1.99 -7.35 -8.38
CA GLY A 140 -2.09 -6.30 -9.37
C GLY A 140 -0.71 -5.67 -9.46
N PHE A 141 -0.64 -4.42 -9.91
CA PHE A 141 0.64 -3.73 -10.04
C PHE A 141 1.67 -4.54 -10.83
N HIS A 142 2.08 -4.01 -11.98
CA HIS A 142 3.01 -4.68 -12.85
C HIS A 142 4.48 -4.48 -12.57
N VAL A 143 5.28 -5.43 -13.05
CA VAL A 143 6.72 -5.40 -12.88
C VAL A 143 7.45 -5.52 -14.21
N GLU A 144 7.99 -4.40 -14.68
CA GLU A 144 8.77 -4.41 -15.90
C GLU A 144 9.99 -5.12 -15.34
N THR A 145 10.73 -5.88 -16.15
CA THR A 145 11.88 -6.57 -15.57
C THR A 145 12.74 -7.41 -16.50
N PRO A 146 12.77 -7.12 -17.81
CA PRO A 146 13.56 -7.93 -18.76
C PRO A 146 14.37 -9.08 -18.15
N TYR A 147 13.69 -9.98 -17.47
CA TYR A 147 14.32 -11.11 -16.81
C TYR A 147 13.35 -12.27 -16.63
N PRO A 148 13.87 -13.48 -16.46
CA PRO A 148 13.04 -14.68 -16.27
C PRO A 148 11.95 -14.45 -15.22
N LEU A 149 12.24 -14.81 -13.98
CA LEU A 149 11.32 -14.64 -12.87
C LEU A 149 9.92 -15.21 -13.02
N LEU A 150 9.51 -15.99 -12.04
CA LEU A 150 8.16 -16.52 -11.99
C LEU A 150 7.64 -15.57 -10.93
N PHE A 151 6.40 -15.13 -11.05
CA PHE A 151 5.88 -14.20 -10.06
C PHE A 151 4.85 -14.82 -9.12
N ALA A 152 4.79 -14.26 -7.92
CA ALA A 152 3.85 -14.72 -6.91
C ALA A 152 3.20 -13.50 -6.27
N ASP A 153 1.88 -13.39 -6.39
CA ASP A 153 1.16 -12.28 -5.79
C ASP A 153 0.90 -12.63 -4.34
N VAL A 154 1.26 -11.74 -3.43
CA VAL A 154 1.05 -12.00 -2.01
C VAL A 154 0.32 -10.80 -1.40
N PRO A 155 -0.77 -11.05 -0.67
CA PRO A 155 -1.52 -9.96 -0.04
C PRO A 155 -0.57 -9.17 0.82
N GLU A 156 -0.73 -7.85 0.85
CA GLU A 156 0.15 -7.03 1.66
C GLU A 156 -0.16 -7.22 3.15
N PHE A 157 0.88 -7.52 3.92
CA PHE A 157 0.75 -7.70 5.37
C PHE A 157 1.92 -6.90 5.93
N GLU A 158 1.62 -5.67 6.35
CA GLU A 158 2.61 -4.72 6.87
C GLU A 158 3.20 -5.08 8.23
N VAL A 159 3.91 -6.19 8.30
CA VAL A 159 4.55 -6.60 9.53
C VAL A 159 5.97 -6.96 9.15
N SER A 160 6.92 -6.61 10.02
CA SER A 160 8.34 -6.89 9.78
C SER A 160 9.02 -7.21 11.11
N SER A 161 10.23 -7.76 11.05
CA SER A 161 10.93 -8.09 12.28
C SER A 161 11.33 -6.84 13.05
N THR A 162 11.53 -5.75 12.31
CA THR A 162 11.89 -4.49 12.94
C THR A 162 10.72 -3.95 13.78
N MET A 163 9.53 -3.91 13.19
CA MET A 163 8.35 -3.43 13.92
C MET A 163 8.15 -4.29 15.16
N ILE A 164 8.23 -5.61 14.98
CA ILE A 164 8.02 -6.51 16.10
C ILE A 164 8.98 -6.24 17.25
N ARG A 165 10.27 -6.15 16.94
CA ARG A 165 11.25 -5.89 17.98
C ARG A 165 10.92 -4.60 18.72
N GLU A 166 10.58 -3.55 17.97
CA GLU A 166 10.24 -2.27 18.59
C GLU A 166 8.99 -2.40 19.45
N ARG A 167 8.07 -3.27 19.05
CA ARG A 167 6.86 -3.46 19.86
C ARG A 167 7.21 -4.17 21.17
N PHE A 168 8.09 -5.16 21.11
CA PHE A 168 8.48 -5.85 22.33
C PHE A 168 9.18 -4.86 23.26
N LYS A 169 10.01 -4.00 22.68
CA LYS A 169 10.74 -3.00 23.47
C LYS A 169 9.80 -1.99 24.09
N SER A 170 8.85 -1.52 23.31
CA SER A 170 7.88 -0.53 23.80
C SER A 170 6.72 -1.16 24.59
N LYS A 171 6.71 -2.48 24.66
CA LYS A 171 5.67 -3.20 25.38
C LYS A 171 4.31 -3.13 24.67
N LYS A 172 4.34 -2.96 23.36
CA LYS A 172 3.10 -2.89 22.57
C LYS A 172 2.67 -4.32 22.22
N PRO A 173 1.38 -4.52 21.94
CA PRO A 173 0.81 -5.84 21.61
C PRO A 173 1.41 -6.45 20.34
N THR A 174 1.52 -7.77 20.31
CA THR A 174 2.04 -8.45 19.13
C THR A 174 1.03 -9.49 18.65
N ASP A 175 -0.15 -9.47 19.26
CA ASP A 175 -1.22 -10.40 18.89
C ASP A 175 -1.55 -10.26 17.41
N TYR A 176 -1.74 -11.39 16.75
CA TYR A 176 -2.10 -11.45 15.33
C TYR A 176 -0.97 -11.04 14.39
N LEU A 177 0.19 -10.70 14.96
CA LEU A 177 1.36 -10.32 14.17
C LEU A 177 2.42 -11.43 14.20
N ILE A 178 2.51 -12.15 15.32
CA ILE A 178 3.48 -13.24 15.44
C ILE A 178 2.81 -14.45 16.08
N PRO A 179 3.30 -15.65 15.78
CA PRO A 179 2.72 -16.87 16.34
C PRO A 179 2.82 -16.85 17.86
N ASP A 180 1.80 -17.40 18.52
CA ASP A 180 1.80 -17.46 19.98
C ASP A 180 3.07 -18.07 20.55
N LYS A 181 3.47 -19.21 19.99
CA LYS A 181 4.65 -19.91 20.45
C LYS A 181 5.90 -19.04 20.38
N VAL A 182 5.97 -18.18 19.37
CA VAL A 182 7.11 -17.28 19.23
C VAL A 182 7.10 -16.24 20.35
N LYS A 183 5.93 -15.65 20.58
CA LYS A 183 5.81 -14.67 21.66
C LYS A 183 6.21 -15.32 22.96
N LYS A 184 5.75 -16.55 23.15
CA LYS A 184 6.08 -17.29 24.37
C LYS A 184 7.59 -17.42 24.52
N TYR A 185 8.28 -17.73 23.44
CA TYR A 185 9.73 -17.90 23.49
C TYR A 185 10.44 -16.60 23.80
N VAL A 186 9.96 -15.53 23.19
CA VAL A 186 10.54 -14.20 23.39
C VAL A 186 10.45 -13.79 24.84
N GLU A 187 9.28 -13.97 25.43
CA GLU A 187 9.07 -13.57 26.80
C GLU A 187 9.74 -14.48 27.82
N GLU A 188 9.91 -15.76 27.49
CA GLU A 188 10.57 -16.66 28.43
C GLU A 188 12.06 -16.38 28.48
N ASN A 189 12.63 -15.96 27.35
CA ASN A 189 14.05 -15.67 27.28
C ASN A 189 14.34 -14.18 27.36
N GLY A 190 13.31 -13.39 27.68
CA GLY A 190 13.46 -11.96 27.81
C GLY A 190 14.18 -11.28 26.67
N LEU A 191 13.78 -11.61 25.44
CA LEU A 191 14.42 -11.03 24.27
C LEU A 191 13.76 -9.73 23.82
N TYR A 192 14.47 -9.00 22.99
CA TYR A 192 14.00 -7.75 22.40
C TYR A 192 13.51 -6.64 23.33
N GLU A 193 13.82 -6.71 24.61
CA GLU A 193 13.37 -5.65 25.51
C GLU A 193 14.50 -4.66 25.75
N SER A 194 15.38 -4.57 24.76
CA SER A 194 16.54 -3.67 24.80
C SER A 194 16.15 -2.22 25.05
N SER B 6 -18.05 3.09 34.54
CA SER B 6 -17.99 3.58 33.13
C SER B 6 -16.81 2.99 32.38
N LYS B 7 -17.09 2.22 31.34
CA LYS B 7 -16.05 1.60 30.53
C LYS B 7 -15.86 2.33 29.21
N LYS B 8 -14.69 2.15 28.62
CA LYS B 8 -14.40 2.73 27.32
C LYS B 8 -14.63 1.57 26.37
N ILE B 9 -15.62 1.72 25.49
CA ILE B 9 -16.00 0.67 24.58
C ILE B 9 -15.86 1.03 23.11
N GLY B 10 -15.13 0.20 22.37
CA GLY B 10 -14.98 0.42 20.95
C GLY B 10 -16.02 -0.45 20.26
N ILE B 11 -16.81 0.17 19.38
CA ILE B 11 -17.87 -0.54 18.65
C ILE B 11 -17.35 -0.92 17.27
N PHE B 12 -17.43 -2.20 16.93
CA PHE B 12 -16.90 -2.69 15.66
C PHE B 12 -17.99 -3.36 14.80
N GLY B 13 -18.61 -2.58 13.91
CA GLY B 13 -19.64 -3.10 13.04
C GLY B 13 -19.04 -3.87 11.87
N GLY B 14 -19.86 -4.69 11.22
CA GLY B 14 -19.37 -5.46 10.08
C GLY B 14 -20.28 -6.63 9.75
N THR B 15 -20.08 -7.26 8.59
CA THR B 15 -20.90 -8.40 8.18
C THR B 15 -20.26 -9.67 8.70
N PHE B 16 -18.92 -9.67 8.70
CA PHE B 16 -18.14 -10.81 9.17
C PHE B 16 -18.53 -12.13 8.50
N ASP B 17 -18.51 -12.16 7.17
CA ASP B 17 -18.84 -13.40 6.49
C ASP B 17 -17.74 -13.74 5.49
N PRO B 18 -16.64 -14.31 5.98
CA PRO B 18 -16.44 -14.62 7.41
C PRO B 18 -15.53 -13.61 8.12
N PRO B 19 -15.38 -13.77 9.45
CA PRO B 19 -14.51 -12.86 10.19
C PRO B 19 -13.10 -13.31 9.83
N HIS B 20 -12.13 -12.42 9.86
CA HIS B 20 -10.76 -12.82 9.55
C HIS B 20 -9.73 -12.16 10.46
N ASN B 21 -8.45 -12.41 10.17
CA ASN B 21 -7.38 -11.87 10.98
C ASN B 21 -7.24 -10.36 10.85
N GLY B 22 -7.74 -9.81 9.74
CA GLY B 22 -7.68 -8.37 9.57
C GLY B 22 -8.59 -7.72 10.58
N HIS B 23 -9.74 -8.36 10.86
CA HIS B 23 -10.70 -7.87 11.84
C HIS B 23 -10.07 -7.91 13.23
N LEU B 24 -9.49 -9.07 13.57
CA LEU B 24 -8.87 -9.24 14.87
C LEU B 24 -7.75 -8.23 15.08
N LEU B 25 -6.89 -8.07 14.07
CA LEU B 25 -5.79 -7.12 14.16
C LEU B 25 -6.25 -5.68 14.39
N MET B 26 -7.17 -5.20 13.55
CA MET B 26 -7.68 -3.84 13.67
C MET B 26 -8.31 -3.59 15.06
N ALA B 27 -9.14 -4.53 15.49
CA ALA B 27 -9.81 -4.42 16.80
C ALA B 27 -8.80 -4.30 17.94
N ASN B 28 -7.75 -5.12 17.91
CA ASN B 28 -6.74 -5.12 18.96
C ASN B 28 -5.91 -3.84 18.97
N GLU B 29 -5.61 -3.33 17.79
CA GLU B 29 -4.83 -2.10 17.68
C GLU B 29 -5.64 -0.92 18.20
N VAL B 30 -6.92 -0.88 17.84
CA VAL B 30 -7.80 0.18 18.30
C VAL B 30 -7.87 0.09 19.83
N LEU B 31 -8.08 -1.12 20.33
CA LEU B 31 -8.18 -1.40 21.75
C LEU B 31 -7.02 -0.85 22.58
N TYR B 32 -5.80 -1.15 22.17
CA TYR B 32 -4.66 -0.67 22.92
C TYR B 32 -4.27 0.77 22.61
N GLN B 33 -4.26 1.16 21.35
CA GLN B 33 -3.88 2.52 21.00
C GLN B 33 -4.86 3.58 21.48
N ALA B 34 -6.13 3.23 21.60
CA ALA B 34 -7.13 4.19 22.06
C ALA B 34 -7.38 4.07 23.57
N GLY B 35 -6.64 3.16 24.19
CA GLY B 35 -6.78 2.94 25.62
C GLY B 35 -8.17 2.52 26.06
N LEU B 36 -8.81 1.63 25.29
CA LEU B 36 -10.16 1.17 25.61
C LEU B 36 -10.14 -0.05 26.51
N ASP B 37 -11.31 -0.37 27.06
CA ASP B 37 -11.47 -1.51 27.95
C ASP B 37 -11.87 -2.76 27.15
N GLU B 38 -12.81 -2.58 26.24
CA GLU B 38 -13.30 -3.69 25.43
C GLU B 38 -13.65 -3.25 24.03
N ILE B 39 -13.76 -4.24 23.15
CA ILE B 39 -14.16 -4.01 21.77
C ILE B 39 -15.38 -4.90 21.59
N TRP B 40 -16.46 -4.33 21.06
CA TRP B 40 -17.67 -5.11 20.84
C TRP B 40 -17.88 -5.35 19.35
N PHE B 41 -17.83 -6.62 18.93
CA PHE B 41 -18.04 -6.95 17.53
C PHE B 41 -19.54 -7.02 17.32
N MET B 42 -20.04 -6.27 16.33
CA MET B 42 -21.47 -6.23 16.08
C MET B 42 -21.88 -6.66 14.67
N PRO B 43 -22.27 -7.93 14.52
CA PRO B 43 -22.68 -8.50 13.23
C PRO B 43 -23.92 -7.77 12.73
N ASN B 44 -23.90 -7.35 11.47
CA ASN B 44 -25.08 -6.67 10.92
C ASN B 44 -25.96 -7.70 10.24
N GLN B 45 -27.12 -7.28 9.74
CA GLN B 45 -28.03 -8.17 9.04
C GLN B 45 -28.80 -7.42 7.96
N ILE B 46 -28.99 -8.12 6.84
CA ILE B 46 -29.69 -7.57 5.70
C ILE B 46 -31.18 -7.87 5.84
N PRO B 47 -32.03 -6.99 5.30
CA PRO B 47 -33.47 -7.28 5.41
C PRO B 47 -33.60 -8.39 4.37
N PRO B 48 -34.22 -9.54 4.71
CA PRO B 48 -34.36 -10.62 3.72
C PRO B 48 -34.57 -10.16 2.28
N HIS B 49 -33.47 -9.76 1.65
CA HIS B 49 -33.45 -9.28 0.26
C HIS B 49 -32.11 -9.66 -0.37
N THR B 56 -24.35 -15.12 3.76
CA THR B 56 -24.36 -16.16 4.79
C THR B 56 -25.37 -15.86 5.90
N ASP B 57 -26.02 -16.90 6.39
CA ASP B 57 -27.02 -16.75 7.45
C ASP B 57 -26.35 -16.11 8.67
N SER B 58 -27.13 -15.40 9.46
CA SER B 58 -26.63 -14.72 10.64
C SER B 58 -26.12 -15.62 11.75
N PHE B 59 -26.86 -16.67 12.07
CA PHE B 59 -26.43 -17.54 13.15
C PHE B 59 -25.06 -18.12 12.82
N HIS B 60 -24.77 -18.23 11.53
CA HIS B 60 -23.48 -18.73 11.07
C HIS B 60 -22.40 -17.69 11.31
N ARG B 61 -22.67 -16.46 10.90
CA ARG B 61 -21.69 -15.39 11.07
C ARG B 61 -21.45 -15.14 12.55
N VAL B 62 -22.49 -15.31 13.36
CA VAL B 62 -22.36 -15.11 14.79
C VAL B 62 -21.50 -16.22 15.37
N GLU B 63 -21.71 -17.45 14.91
CA GLU B 63 -20.92 -18.57 15.41
C GLU B 63 -19.45 -18.38 15.05
N MET B 64 -19.16 -18.07 13.79
CA MET B 64 -17.78 -17.86 13.38
C MET B 64 -17.15 -16.75 14.24
N LEU B 65 -17.89 -15.68 14.51
CA LEU B 65 -17.35 -14.59 15.33
C LEU B 65 -16.92 -15.06 16.71
N LYS B 66 -17.81 -15.78 17.40
CA LYS B 66 -17.50 -16.28 18.73
C LYS B 66 -16.17 -17.02 18.70
N LEU B 67 -15.98 -17.83 17.66
CA LEU B 67 -14.77 -18.60 17.51
C LEU B 67 -13.56 -17.71 17.27
N ALA B 68 -13.75 -16.68 16.45
CA ALA B 68 -12.65 -15.77 16.13
C ALA B 68 -12.16 -14.97 17.33
N ILE B 69 -13.07 -14.56 18.19
CA ILE B 69 -12.68 -13.76 19.35
C ILE B 69 -12.45 -14.48 20.66
N GLN B 70 -12.69 -15.79 20.68
CA GLN B 70 -12.50 -16.59 21.89
C GLN B 70 -11.22 -16.30 22.68
N SER B 71 -10.08 -16.39 22.00
CA SER B 71 -8.79 -16.19 22.62
C SER B 71 -8.49 -14.80 23.17
N ASN B 72 -9.30 -13.81 22.82
CA ASN B 72 -9.06 -12.45 23.31
C ASN B 72 -10.13 -12.03 24.33
N PRO B 73 -9.74 -11.90 25.60
CA PRO B 73 -10.62 -11.51 26.71
C PRO B 73 -11.29 -10.15 26.57
N SER B 74 -10.65 -9.23 25.87
CA SER B 74 -11.20 -7.88 25.70
C SER B 74 -12.19 -7.77 24.53
N PHE B 75 -12.34 -8.85 23.78
CA PHE B 75 -13.26 -8.87 22.64
C PHE B 75 -14.59 -9.50 23.04
N LYS B 76 -15.70 -8.87 22.62
CA LYS B 76 -17.01 -9.39 22.95
C LYS B 76 -17.96 -9.31 21.76
N LEU B 77 -18.94 -10.21 21.76
CA LEU B 77 -19.96 -10.26 20.72
C LEU B 77 -21.18 -9.54 21.27
N GLU B 78 -21.72 -8.60 20.50
CA GLU B 78 -22.91 -7.88 20.91
C GLU B 78 -23.92 -7.99 19.77
N LEU B 79 -25.16 -8.35 20.11
CA LEU B 79 -26.21 -8.54 19.12
C LEU B 79 -27.31 -7.48 19.13
N VAL B 80 -27.03 -6.27 19.61
CA VAL B 80 -28.06 -5.24 19.67
C VAL B 80 -28.66 -4.88 18.31
N GLU B 81 -27.91 -5.09 17.23
CA GLU B 81 -28.44 -4.77 15.90
C GLU B 81 -29.43 -5.84 15.48
N MET B 82 -29.47 -6.94 16.24
CA MET B 82 -30.38 -8.04 15.96
C MET B 82 -31.63 -7.92 16.82
N GLU B 83 -31.69 -6.87 17.64
CA GLU B 83 -32.84 -6.68 18.53
C GLU B 83 -33.36 -5.24 18.53
N ARG B 84 -33.23 -4.56 17.40
CA ARG B 84 -33.68 -3.18 17.28
C ARG B 84 -35.20 -3.07 17.14
N GLU B 85 -35.82 -4.15 16.66
CA GLU B 85 -37.27 -4.15 16.45
C GLU B 85 -38.11 -4.26 17.71
N GLY B 86 -38.96 -3.27 17.91
CA GLY B 86 -39.86 -3.24 19.04
C GLY B 86 -41.26 -3.42 18.47
N PRO B 87 -42.28 -3.68 19.29
CA PRO B 87 -43.64 -3.86 18.79
C PRO B 87 -44.15 -2.72 17.91
N SER B 88 -43.66 -1.51 18.14
CA SER B 88 -44.12 -0.36 17.37
C SER B 88 -43.03 0.60 16.91
N TYR B 89 -41.80 0.39 17.37
CA TYR B 89 -40.70 1.29 17.02
C TYR B 89 -39.40 0.52 16.80
N THR B 90 -38.59 1.01 15.87
CA THR B 90 -37.31 0.37 15.57
C THR B 90 -36.14 1.32 15.77
N PHE B 91 -35.27 0.96 16.71
CA PHE B 91 -34.08 1.74 17.02
C PHE B 91 -33.00 1.41 16.01
N ASP B 92 -32.03 2.31 15.84
CA ASP B 92 -30.92 1.99 14.98
C ASP B 92 -29.94 1.45 16.01
N THR B 93 -28.83 0.86 15.58
CA THR B 93 -27.89 0.29 16.55
C THR B 93 -27.27 1.29 17.52
N VAL B 94 -26.91 2.46 17.01
CA VAL B 94 -26.29 3.50 17.83
C VAL B 94 -27.18 3.96 18.98
N SER B 95 -28.45 4.24 18.68
CA SER B 95 -29.38 4.70 19.70
C SER B 95 -29.71 3.63 20.74
N LEU B 96 -29.83 2.38 20.32
CA LEU B 96 -30.15 1.31 21.25
C LEU B 96 -29.00 1.06 22.22
N LEU B 97 -27.77 1.22 21.72
CA LEU B 97 -26.59 1.04 22.55
C LEU B 97 -26.56 2.11 23.63
N LYS B 98 -26.84 3.36 23.25
CA LYS B 98 -26.85 4.46 24.21
C LYS B 98 -27.96 4.25 25.22
N GLN B 99 -29.02 3.60 24.77
CA GLN B 99 -30.17 3.31 25.60
C GLN B 99 -29.78 2.30 26.68
N ARG B 100 -29.11 1.23 26.26
CA ARG B 100 -28.70 0.17 27.17
C ARG B 100 -27.50 0.49 28.04
N TYR B 101 -26.58 1.31 27.55
CA TYR B 101 -25.39 1.63 28.33
C TYR B 101 -25.11 3.14 28.33
N PRO B 102 -26.05 3.92 28.89
CA PRO B 102 -25.95 5.39 28.97
C PRO B 102 -24.77 5.96 29.74
N ASN B 103 -24.15 5.15 30.59
CA ASN B 103 -23.02 5.62 31.39
C ASN B 103 -21.64 5.33 30.78
N ASP B 104 -21.59 4.41 29.82
CA ASP B 104 -20.31 4.08 29.19
C ASP B 104 -19.91 5.03 28.08
N GLN B 105 -18.62 5.03 27.77
CA GLN B 105 -18.06 5.85 26.71
C GLN B 105 -17.98 4.97 25.48
N LEU B 106 -18.82 5.25 24.49
CA LEU B 106 -18.85 4.46 23.27
C LEU B 106 -18.03 5.14 22.18
N PHE B 107 -17.10 4.38 21.61
CA PHE B 107 -16.25 4.91 20.56
C PHE B 107 -16.57 4.15 19.29
N PHE B 108 -16.98 4.87 18.25
CA PHE B 108 -17.27 4.25 16.98
C PHE B 108 -16.03 4.39 16.09
N ILE B 109 -15.78 3.40 15.25
CA ILE B 109 -14.61 3.39 14.39
C ILE B 109 -14.86 3.92 12.98
N ILE B 110 -14.02 4.86 12.56
CA ILE B 110 -14.12 5.50 11.25
C ILE B 110 -12.87 5.22 10.39
N GLY B 111 -13.07 4.73 9.17
CA GLY B 111 -11.95 4.44 8.31
C GLY B 111 -11.40 5.70 7.68
N ALA B 112 -10.09 5.79 7.58
CA ALA B 112 -9.41 6.95 7.00
C ALA B 112 -8.12 6.45 6.36
N ASP B 113 -8.23 5.39 5.59
CA ASP B 113 -7.05 4.81 4.97
C ASP B 113 -6.97 4.99 3.47
N MET B 114 -8.04 5.51 2.86
CA MET B 114 -8.07 5.70 1.41
C MET B 114 -7.89 7.17 1.03
N ILE B 115 -8.41 8.08 1.85
CA ILE B 115 -8.34 9.51 1.59
C ILE B 115 -7.60 10.32 2.66
N GLU B 116 -7.00 11.42 2.23
CA GLU B 116 -6.22 12.31 3.10
C GLU B 116 -7.06 13.18 4.03
N TYR B 117 -8.31 13.43 3.66
CA TYR B 117 -9.16 14.28 4.48
C TYR B 117 -10.44 13.60 4.93
N LEU B 118 -10.89 13.95 6.13
CA LEU B 118 -12.11 13.40 6.69
C LEU B 118 -13.09 14.53 6.92
N PRO B 119 -14.23 14.50 6.23
CA PRO B 119 -15.24 15.56 6.37
C PRO B 119 -15.98 15.54 7.71
N LYS B 120 -16.51 16.71 8.08
CA LYS B 120 -17.28 16.85 9.31
C LYS B 120 -18.70 16.44 8.96
N TRP B 121 -18.89 15.15 8.71
CA TRP B 121 -20.18 14.62 8.32
C TRP B 121 -21.14 14.40 9.48
N TYR B 122 -20.63 14.40 10.70
CA TYR B 122 -21.49 14.18 11.86
C TYR B 122 -21.45 15.32 12.87
N LYS B 123 -22.64 15.76 13.27
CA LYS B 123 -22.79 16.84 14.24
C LYS B 123 -22.64 16.37 15.69
N ILE B 131 -20.59 9.71 23.05
CA ILE B 131 -20.31 9.16 21.73
C ILE B 131 -19.10 9.81 21.09
N GLN B 132 -18.05 9.03 20.90
CA GLN B 132 -16.84 9.54 20.30
C GLN B 132 -16.43 8.69 19.11
N PHE B 133 -15.43 9.16 18.38
CA PHE B 133 -14.94 8.43 17.22
C PHE B 133 -13.45 8.19 17.32
N ILE B 134 -13.00 7.16 16.60
CA ILE B 134 -11.59 6.80 16.54
C ILE B 134 -11.32 6.48 15.08
N GLY B 135 -10.33 7.15 14.49
CA GLY B 135 -10.03 6.86 13.11
C GLY B 135 -8.99 5.76 13.02
N VAL B 136 -9.06 4.98 11.94
CA VAL B 136 -8.07 3.93 11.72
C VAL B 136 -7.44 4.15 10.36
N LYS B 137 -6.12 4.24 10.35
CA LYS B 137 -5.36 4.47 9.13
C LYS B 137 -4.06 3.70 9.22
N ARG B 138 -3.28 3.68 8.14
CA ARG B 138 -2.00 2.98 8.17
C ARG B 138 -1.01 3.90 8.85
N PRO B 139 0.00 3.33 9.52
CA PRO B 139 0.99 4.19 10.17
C PRO B 139 1.69 5.03 9.10
N GLY B 140 1.99 6.29 9.43
CA GLY B 140 2.64 7.18 8.48
C GLY B 140 1.65 7.91 7.59
N PHE B 141 0.48 7.33 7.38
CA PHE B 141 -0.54 7.95 6.55
C PHE B 141 -1.07 9.21 7.25
N HIS B 142 -0.87 10.35 6.62
CA HIS B 142 -1.30 11.63 7.18
C HIS B 142 -2.76 11.93 6.85
N VAL B 143 -3.52 12.28 7.88
CA VAL B 143 -4.93 12.59 7.71
C VAL B 143 -5.29 13.90 8.38
N GLU B 144 -5.95 14.78 7.64
CA GLU B 144 -6.39 16.05 8.19
C GLU B 144 -7.90 16.01 8.32
N THR B 145 -8.42 16.62 9.38
CA THR B 145 -9.85 16.63 9.60
C THR B 145 -10.20 17.72 10.60
N PRO B 146 -11.40 18.31 10.47
CA PRO B 146 -11.85 19.37 11.37
C PRO B 146 -12.17 18.84 12.77
N TYR B 147 -12.27 17.52 12.87
CA TYR B 147 -12.57 16.84 14.13
C TYR B 147 -11.35 16.66 15.01
N PRO B 148 -11.49 16.92 16.32
CA PRO B 148 -10.32 16.71 17.17
C PRO B 148 -10.45 15.20 17.38
N LEU B 149 -9.84 14.44 16.47
CA LEU B 149 -9.96 12.98 16.49
C LEU B 149 -8.68 12.19 16.79
N LEU B 150 -8.80 11.13 17.59
CA LEU B 150 -7.68 10.27 17.92
C LEU B 150 -7.63 9.11 16.91
N PHE B 151 -6.46 8.81 16.38
CA PHE B 151 -6.32 7.74 15.42
C PHE B 151 -5.58 6.53 15.94
N ALA B 152 -5.81 5.41 15.26
CA ALA B 152 -5.14 4.17 15.60
C ALA B 152 -4.44 3.76 14.31
N ASP B 153 -3.12 3.63 14.40
CA ASP B 153 -2.29 3.25 13.26
C ASP B 153 -2.30 1.73 13.18
N VAL B 154 -3.10 1.21 12.26
CA VAL B 154 -3.24 -0.23 12.06
C VAL B 154 -2.37 -0.71 10.90
N PRO B 155 -1.50 -1.71 11.15
CA PRO B 155 -0.67 -2.18 10.03
C PRO B 155 -1.56 -2.69 8.89
N GLU B 156 -1.17 -2.39 7.65
CA GLU B 156 -1.93 -2.84 6.49
C GLU B 156 -1.99 -4.36 6.41
N PHE B 157 -3.16 -4.90 6.11
CA PHE B 157 -3.36 -6.35 5.97
C PHE B 157 -4.46 -6.49 4.91
N GLU B 158 -4.06 -6.64 3.65
CA GLU B 158 -4.99 -6.75 2.51
C GLU B 158 -5.78 -8.04 2.47
N VAL B 159 -6.65 -8.21 3.46
CA VAL B 159 -7.48 -9.40 3.53
C VAL B 159 -8.90 -8.96 3.76
N SER B 160 -9.83 -9.60 3.07
CA SER B 160 -11.22 -9.25 3.23
C SER B 160 -12.05 -10.51 3.23
N SER B 161 -13.30 -10.38 3.65
CA SER B 161 -14.21 -11.51 3.67
C SER B 161 -14.45 -11.96 2.22
N THR B 162 -14.71 -10.99 1.34
CA THR B 162 -14.96 -11.29 -0.07
C THR B 162 -13.80 -12.10 -0.64
N MET B 163 -12.58 -11.62 -0.42
CA MET B 163 -11.39 -12.28 -0.94
C MET B 163 -11.26 -13.69 -0.37
N ILE B 164 -11.63 -13.85 0.89
CA ILE B 164 -11.58 -15.15 1.54
C ILE B 164 -12.62 -16.12 0.99
N ARG B 165 -13.83 -15.63 0.72
CA ARG B 165 -14.87 -16.50 0.18
C ARG B 165 -14.41 -17.04 -1.17
N GLU B 166 -13.90 -16.17 -2.03
CA GLU B 166 -13.43 -16.57 -3.36
C GLU B 166 -12.38 -17.67 -3.21
N ARG B 167 -11.52 -17.55 -2.20
CA ARG B 167 -10.49 -18.56 -1.97
C ARG B 167 -11.07 -19.93 -1.62
N PHE B 168 -12.05 -19.96 -0.73
CA PHE B 168 -12.67 -21.23 -0.34
C PHE B 168 -13.28 -21.90 -1.56
N LYS B 169 -14.00 -21.10 -2.35
CA LYS B 169 -14.66 -21.60 -3.54
C LYS B 169 -13.67 -22.09 -4.60
N SER B 170 -12.62 -21.32 -4.84
CA SER B 170 -11.62 -21.69 -5.83
C SER B 170 -10.55 -22.65 -5.32
N LYS B 171 -10.71 -23.10 -4.07
CA LYS B 171 -9.76 -24.04 -3.46
C LYS B 171 -8.37 -23.49 -3.12
N LYS B 172 -8.22 -22.17 -3.10
CA LYS B 172 -6.95 -21.56 -2.75
C LYS B 172 -6.79 -21.55 -1.23
N PRO B 173 -5.54 -21.45 -0.73
CA PRO B 173 -5.26 -21.43 0.71
C PRO B 173 -5.92 -20.30 1.50
N THR B 174 -6.16 -20.54 2.79
CA THR B 174 -6.75 -19.54 3.66
C THR B 174 -5.89 -19.39 4.91
N ASP B 175 -4.85 -20.22 5.02
CA ASP B 175 -3.94 -20.19 6.17
C ASP B 175 -3.37 -18.80 6.39
N TYR B 176 -3.24 -18.44 7.67
CA TYR B 176 -2.70 -17.16 8.10
C TYR B 176 -3.60 -15.97 7.81
N LEU B 177 -4.70 -16.21 7.10
CA LEU B 177 -5.63 -15.14 6.77
C LEU B 177 -6.84 -15.14 7.71
N ILE B 178 -7.24 -16.35 8.13
CA ILE B 178 -8.36 -16.52 9.05
C ILE B 178 -7.99 -17.49 10.17
N PRO B 179 -8.62 -17.33 11.35
CA PRO B 179 -8.30 -18.22 12.47
C PRO B 179 -8.64 -19.67 12.09
N ASP B 180 -7.81 -20.61 12.54
CA ASP B 180 -8.05 -22.03 12.25
C ASP B 180 -9.45 -22.51 12.62
N LYS B 181 -9.94 -22.07 13.77
CA LYS B 181 -11.28 -22.48 14.20
C LYS B 181 -12.39 -21.99 13.28
N VAL B 182 -12.20 -20.82 12.67
CA VAL B 182 -13.19 -20.29 11.76
C VAL B 182 -13.17 -21.09 10.47
N LYS B 183 -11.97 -21.45 10.02
CA LYS B 183 -11.80 -22.24 8.81
C LYS B 183 -12.47 -23.60 9.01
N LYS B 184 -12.29 -24.15 10.21
CA LYS B 184 -12.86 -25.44 10.56
C LYS B 184 -14.38 -25.37 10.50
N TYR B 185 -14.94 -24.26 10.96
CA TYR B 185 -16.38 -24.08 10.95
C TYR B 185 -16.87 -24.06 9.51
N VAL B 186 -16.19 -23.28 8.67
CA VAL B 186 -16.55 -23.18 7.27
C VAL B 186 -16.58 -24.58 6.63
N GLU B 187 -15.58 -25.39 6.98
CA GLU B 187 -15.47 -26.74 6.44
C GLU B 187 -16.56 -27.68 6.96
N GLU B 188 -16.76 -27.71 8.27
CA GLU B 188 -17.76 -28.58 8.88
C GLU B 188 -19.20 -28.20 8.55
N ASN B 189 -19.38 -27.05 7.88
CA ASN B 189 -20.72 -26.59 7.53
C ASN B 189 -20.89 -26.37 6.03
N GLY B 190 -19.89 -26.78 5.26
CA GLY B 190 -19.94 -26.63 3.81
C GLY B 190 -20.21 -25.24 3.30
N LEU B 191 -19.77 -24.23 4.04
CA LEU B 191 -19.97 -22.84 3.65
C LEU B 191 -19.03 -22.40 2.53
N TYR B 192 -19.49 -21.43 1.76
CA TYR B 192 -18.71 -20.84 0.66
C TYR B 192 -18.29 -21.79 -0.47
N GLU B 193 -19.28 -22.48 -1.05
CA GLU B 193 -19.07 -23.40 -2.16
C GLU B 193 -17.80 -24.23 -2.05
N SER C 6 -29.19 17.67 -15.08
CA SER C 6 -28.40 18.21 -16.23
C SER C 6 -26.91 17.95 -16.08
N LYS C 7 -26.35 18.27 -14.90
CA LYS C 7 -24.93 18.04 -14.65
C LYS C 7 -24.70 17.08 -13.49
N LYS C 8 -23.68 16.22 -13.63
CA LYS C 8 -23.32 15.29 -12.57
C LYS C 8 -22.09 15.93 -11.90
N ILE C 9 -22.28 16.42 -10.68
CA ILE C 9 -21.20 17.09 -9.97
C ILE C 9 -20.61 16.26 -8.83
N GLY C 10 -19.28 16.15 -8.82
CA GLY C 10 -18.59 15.43 -7.77
C GLY C 10 -18.03 16.45 -6.78
N ILE C 11 -18.58 16.46 -5.56
CA ILE C 11 -18.14 17.38 -4.50
C ILE C 11 -16.86 16.81 -3.87
N PHE C 12 -15.76 17.56 -3.96
CA PHE C 12 -14.47 17.10 -3.45
C PHE C 12 -13.92 18.01 -2.33
N GLY C 13 -14.14 17.61 -1.08
CA GLY C 13 -13.69 18.41 0.04
C GLY C 13 -12.25 18.21 0.49
N GLY C 14 -11.74 19.15 1.27
CA GLY C 14 -10.38 19.04 1.75
C GLY C 14 -9.85 20.35 2.32
N THR C 15 -8.61 20.32 2.80
CA THR C 15 -7.98 21.52 3.33
C THR C 15 -7.21 22.19 2.20
N PHE C 16 -6.65 21.37 1.31
CA PHE C 16 -5.86 21.86 0.18
C PHE C 16 -4.87 22.90 0.72
N ASP C 17 -4.06 22.48 1.68
CA ASP C 17 -3.09 23.36 2.30
C ASP C 17 -1.71 22.73 2.23
N PRO C 18 -1.10 22.68 1.03
CA PRO C 18 -1.60 23.17 -0.26
C PRO C 18 -2.19 22.08 -1.16
N PRO C 19 -2.77 22.48 -2.31
CA PRO C 19 -3.34 21.49 -3.23
C PRO C 19 -2.14 20.80 -3.86
N HIS C 20 -2.28 19.55 -4.27
CA HIS C 20 -1.15 18.84 -4.86
C HIS C 20 -1.57 17.82 -5.91
N ASN C 21 -0.58 17.19 -6.55
CA ASN C 21 -0.83 16.21 -7.60
C ASN C 21 -1.73 15.04 -7.20
N GLY C 22 -1.68 14.66 -5.93
CA GLY C 22 -2.52 13.57 -5.45
C GLY C 22 -3.98 13.98 -5.50
N HIS C 23 -4.24 15.26 -5.20
CA HIS C 23 -5.61 15.78 -5.25
C HIS C 23 -6.11 15.76 -6.69
N LEU C 24 -5.29 16.27 -7.60
CA LEU C 24 -5.64 16.33 -9.01
C LEU C 24 -5.89 14.95 -9.58
N LEU C 25 -4.99 14.03 -9.25
CA LEU C 25 -5.12 12.65 -9.72
C LEU C 25 -6.43 11.97 -9.25
N MET C 26 -6.72 12.05 -7.96
CA MET C 26 -7.91 11.41 -7.42
C MET C 26 -9.16 11.98 -8.07
N ALA C 27 -9.18 13.31 -8.20
CA ALA C 27 -10.31 14.00 -8.80
C ALA C 27 -10.56 13.56 -10.24
N ASN C 28 -9.49 13.41 -11.01
CA ASN C 28 -9.63 13.02 -12.41
C ASN C 28 -10.12 11.59 -12.53
N GLU C 29 -9.62 10.72 -11.65
CA GLU C 29 -10.03 9.33 -11.67
C GLU C 29 -11.52 9.20 -11.33
N VAL C 30 -11.95 9.89 -10.29
CA VAL C 30 -13.36 9.83 -9.90
C VAL C 30 -14.24 10.39 -11.02
N LEU C 31 -13.78 11.49 -11.60
CA LEU C 31 -14.49 12.14 -12.70
C LEU C 31 -14.79 11.14 -13.82
N TYR C 32 -13.75 10.44 -14.28
CA TYR C 32 -13.90 9.46 -15.34
C TYR C 32 -14.64 8.21 -14.92
N GLN C 33 -14.28 7.64 -13.78
CA GLN C 33 -14.90 6.40 -13.31
C GLN C 33 -16.35 6.46 -12.86
N ALA C 34 -16.81 7.62 -12.39
CA ALA C 34 -18.19 7.75 -11.97
C ALA C 34 -18.99 8.46 -13.05
N GLY C 35 -18.38 8.61 -14.22
CA GLY C 35 -19.06 9.28 -15.32
C GLY C 35 -19.66 10.63 -14.94
N LEU C 36 -18.84 11.47 -14.31
CA LEU C 36 -19.30 12.79 -13.88
C LEU C 36 -18.91 13.86 -14.91
N ASP C 37 -19.51 15.04 -14.79
CA ASP C 37 -19.21 16.14 -15.71
C ASP C 37 -18.17 17.09 -15.11
N GLU C 38 -18.25 17.31 -13.81
CA GLU C 38 -17.31 18.20 -13.15
C GLU C 38 -16.96 17.68 -11.76
N ILE C 39 -15.84 18.18 -11.24
CA ILE C 39 -15.41 17.87 -9.88
C ILE C 39 -15.27 19.25 -9.25
N TRP C 40 -15.91 19.45 -8.10
CA TRP C 40 -15.83 20.74 -7.41
C TRP C 40 -14.93 20.62 -6.19
N PHE C 41 -13.82 21.34 -6.23
CA PHE C 41 -12.88 21.32 -5.10
C PHE C 41 -13.46 22.28 -4.07
N MET C 42 -13.89 21.71 -2.95
CA MET C 42 -14.51 22.46 -1.86
C MET C 42 -13.61 22.55 -0.62
N PRO C 43 -12.86 23.66 -0.48
CA PRO C 43 -11.97 23.81 0.66
C PRO C 43 -12.78 24.02 1.95
N ASN C 44 -12.42 23.29 3.00
CA ASN C 44 -13.09 23.42 4.28
C ASN C 44 -12.58 24.67 4.97
N GLN C 45 -13.14 25.00 6.12
CA GLN C 45 -12.65 26.17 6.83
C GLN C 45 -12.56 25.93 8.33
N ILE C 46 -11.57 26.58 8.94
CA ILE C 46 -11.35 26.47 10.36
C ILE C 46 -11.84 27.72 11.09
N PRO C 47 -12.76 27.54 12.05
CA PRO C 47 -13.33 28.65 12.83
C PRO C 47 -12.35 29.11 13.91
N ASP C 57 -4.54 33.40 5.13
CA ASP C 57 -4.40 31.96 4.96
C ASP C 57 -5.40 31.44 3.92
N SER C 58 -6.71 31.54 4.21
CA SER C 58 -7.71 31.05 3.26
C SER C 58 -7.51 31.61 1.85
N PHE C 59 -7.24 32.91 1.72
CA PHE C 59 -7.07 33.45 0.38
C PHE C 59 -5.88 32.78 -0.31
N HIS C 60 -4.89 32.35 0.46
CA HIS C 60 -3.76 31.67 -0.13
C HIS C 60 -4.19 30.29 -0.64
N ARG C 61 -5.02 29.60 0.15
CA ARG C 61 -5.50 28.28 -0.25
C ARG C 61 -6.38 28.42 -1.49
N VAL C 62 -7.22 29.45 -1.50
CA VAL C 62 -8.09 29.70 -2.64
C VAL C 62 -7.25 29.97 -3.90
N GLU C 63 -6.20 30.76 -3.74
CA GLU C 63 -5.33 31.09 -4.88
C GLU C 63 -4.51 29.88 -5.37
N MET C 64 -4.00 29.06 -4.46
CA MET C 64 -3.22 27.90 -4.91
C MET C 64 -4.15 26.93 -5.63
N LEU C 65 -5.38 26.80 -5.15
CA LEU C 65 -6.35 25.91 -5.77
C LEU C 65 -6.65 26.35 -7.20
N LYS C 66 -6.95 27.64 -7.38
CA LYS C 66 -7.23 28.15 -8.72
C LYS C 66 -6.11 27.79 -9.67
N LEU C 67 -4.87 27.98 -9.19
CA LEU C 67 -3.69 27.66 -9.99
C LEU C 67 -3.60 26.16 -10.29
N ALA C 68 -3.88 25.34 -9.29
CA ALA C 68 -3.83 23.89 -9.46
C ALA C 68 -4.85 23.33 -10.45
N ILE C 69 -6.05 23.91 -10.48
CA ILE C 69 -7.10 23.42 -11.36
C ILE C 69 -7.23 24.07 -12.74
N GLN C 70 -6.60 25.23 -12.90
CA GLN C 70 -6.63 25.99 -14.15
C GLN C 70 -6.73 25.20 -15.45
N SER C 71 -5.79 24.28 -15.60
CA SER C 71 -5.68 23.47 -16.80
C SER C 71 -6.66 22.32 -16.99
N ASN C 72 -7.63 22.17 -16.10
CA ASN C 72 -8.59 21.09 -16.26
C ASN C 72 -9.98 21.70 -16.28
N PRO C 73 -10.55 21.85 -17.48
CA PRO C 73 -11.89 22.42 -17.69
C PRO C 73 -12.96 21.78 -16.84
N SER C 74 -12.77 20.52 -16.49
CA SER C 74 -13.74 19.80 -15.67
C SER C 74 -13.65 20.06 -14.18
N PHE C 75 -12.61 20.79 -13.76
CA PHE C 75 -12.42 21.10 -12.34
C PHE C 75 -12.90 22.51 -12.00
N LYS C 76 -13.60 22.63 -10.88
CA LYS C 76 -14.12 23.91 -10.42
C LYS C 76 -13.81 24.12 -8.95
N LEU C 77 -13.94 25.37 -8.50
CA LEU C 77 -13.69 25.74 -7.12
C LEU C 77 -15.01 26.08 -6.44
N GLU C 78 -15.34 25.40 -5.35
CA GLU C 78 -16.59 25.68 -4.63
C GLU C 78 -16.26 26.27 -3.27
N LEU C 79 -16.56 27.55 -3.09
CA LEU C 79 -16.23 28.24 -1.85
C LEU C 79 -17.37 28.46 -0.87
N VAL C 80 -18.44 27.67 -0.97
CA VAL C 80 -19.57 27.85 -0.07
C VAL C 80 -19.18 27.88 1.41
N GLU C 81 -18.22 27.04 1.84
CA GLU C 81 -17.84 27.02 3.26
C GLU C 81 -17.05 28.24 3.71
N MET C 82 -16.60 29.05 2.75
CA MET C 82 -15.83 30.26 3.03
C MET C 82 -16.75 31.46 3.33
N GLU C 83 -18.01 31.34 2.94
CA GLU C 83 -19.00 32.40 3.11
C GLU C 83 -19.30 32.79 4.55
N ARG C 84 -19.64 34.07 4.74
CA ARG C 84 -19.99 34.59 6.05
C ARG C 84 -21.20 33.78 6.48
N GLU C 85 -21.14 33.22 7.69
CA GLU C 85 -22.22 32.40 8.23
C GLU C 85 -22.47 31.16 7.36
N GLY C 86 -21.45 30.74 6.63
CA GLY C 86 -21.58 29.57 5.76
C GLY C 86 -21.64 28.26 6.50
N PRO C 87 -22.08 27.18 5.83
CA PRO C 87 -22.17 25.85 6.45
C PRO C 87 -20.80 25.18 6.63
N SER C 88 -20.74 24.19 7.50
CA SER C 88 -19.49 23.46 7.73
C SER C 88 -19.78 21.96 7.87
N TYR C 89 -20.96 21.62 8.37
CA TYR C 89 -21.33 20.22 8.48
C TYR C 89 -21.84 19.77 7.12
N THR C 90 -21.39 18.61 6.68
CA THR C 90 -21.76 18.07 5.38
C THR C 90 -23.26 18.15 5.08
N PHE C 91 -24.10 17.75 6.03
CA PHE C 91 -25.54 17.79 5.81
C PHE C 91 -26.01 19.19 5.41
N ASP C 92 -25.52 20.19 6.13
CA ASP C 92 -25.89 21.59 5.87
C ASP C 92 -25.29 22.07 4.55
N THR C 93 -24.01 21.78 4.35
CA THR C 93 -23.34 22.19 3.14
C THR C 93 -23.99 21.56 1.91
N VAL C 94 -24.24 20.25 1.97
CA VAL C 94 -24.88 19.59 0.85
C VAL C 94 -26.29 20.10 0.64
N SER C 95 -27.01 20.32 1.73
CA SER C 95 -28.38 20.84 1.62
C SER C 95 -28.42 22.19 0.90
N LEU C 96 -27.49 23.08 1.23
CA LEU C 96 -27.46 24.39 0.58
C LEU C 96 -27.14 24.26 -0.90
N LEU C 97 -26.12 23.47 -1.22
CA LEU C 97 -25.75 23.26 -2.61
C LEU C 97 -26.92 22.66 -3.41
N LYS C 98 -27.67 21.76 -2.79
CA LYS C 98 -28.80 21.16 -3.50
C LYS C 98 -29.85 22.22 -3.80
N GLN C 99 -29.97 23.20 -2.91
CA GLN C 99 -30.93 24.28 -3.06
C GLN C 99 -30.46 25.26 -4.14
N ARG C 100 -29.15 25.38 -4.31
CA ARG C 100 -28.59 26.29 -5.30
C ARG C 100 -28.51 25.67 -6.69
N TYR C 101 -28.41 24.34 -6.75
CA TYR C 101 -28.33 23.64 -8.03
C TYR C 101 -29.32 22.48 -8.06
N PRO C 102 -30.62 22.79 -7.97
CA PRO C 102 -31.73 21.82 -7.97
C PRO C 102 -31.87 20.98 -9.22
N ASN C 103 -31.36 21.46 -10.34
CA ASN C 103 -31.47 20.69 -11.58
C ASN C 103 -30.29 19.76 -11.83
N ASP C 104 -29.26 19.87 -11.01
CA ASP C 104 -28.07 19.04 -11.19
C ASP C 104 -28.02 17.82 -10.27
N GLN C 105 -27.20 16.84 -10.63
CA GLN C 105 -27.06 15.63 -9.80
C GLN C 105 -25.74 15.71 -9.05
N LEU C 106 -25.84 15.87 -7.74
CA LEU C 106 -24.66 15.98 -6.89
C LEU C 106 -24.20 14.67 -6.27
N PHE C 107 -22.88 14.51 -6.19
CA PHE C 107 -22.25 13.34 -5.59
C PHE C 107 -21.25 13.84 -4.54
N PHE C 108 -21.08 13.06 -3.48
CA PHE C 108 -20.13 13.42 -2.43
C PHE C 108 -19.00 12.39 -2.33
N ILE C 109 -17.76 12.86 -2.40
CA ILE C 109 -16.60 11.97 -2.37
C ILE C 109 -16.03 11.69 -0.99
N ILE C 110 -15.88 10.40 -0.67
CA ILE C 110 -15.31 9.97 0.61
C ILE C 110 -14.43 8.74 0.41
N GLY C 111 -13.72 8.35 1.47
CA GLY C 111 -12.90 7.16 1.39
C GLY C 111 -13.90 6.01 1.47
N ALA C 112 -13.70 4.97 0.69
CA ALA C 112 -14.64 3.86 0.70
C ALA C 112 -14.75 3.17 2.07
N ASP C 113 -13.73 3.34 2.90
CA ASP C 113 -13.70 2.73 4.22
C ASP C 113 -14.23 3.60 5.36
N MET C 114 -14.54 4.87 5.07
CA MET C 114 -15.01 5.78 6.13
C MET C 114 -16.16 5.19 6.98
N ILE C 115 -17.12 4.52 6.33
CA ILE C 115 -18.27 3.99 7.06
C ILE C 115 -18.32 2.46 7.15
N GLU C 116 -17.21 1.81 6.83
CA GLU C 116 -17.12 0.36 6.87
C GLU C 116 -17.31 -0.30 8.22
N TYR C 117 -16.87 0.37 9.27
CA TYR C 117 -16.94 -0.20 10.61
C TYR C 117 -18.09 0.28 11.49
N LEU C 118 -18.99 1.08 10.90
CA LEU C 118 -20.13 1.62 11.63
C LEU C 118 -21.33 0.69 11.63
N PRO C 119 -22.05 0.61 12.76
CA PRO C 119 -23.23 -0.26 12.85
C PRO C 119 -24.39 0.57 12.31
N LYS C 120 -25.57 -0.04 12.23
CA LYS C 120 -26.75 0.64 11.72
C LYS C 120 -26.95 2.01 12.39
N TRP C 121 -27.01 3.06 11.58
CA TRP C 121 -27.15 4.41 12.11
C TRP C 121 -28.02 5.29 11.20
N TYR C 122 -29.16 5.74 11.72
CA TYR C 122 -30.06 6.57 10.90
C TYR C 122 -29.46 7.89 10.44
N LYS C 123 -28.63 8.51 11.27
CA LYS C 123 -28.02 9.77 10.87
C LYS C 123 -27.21 9.55 9.59
N LEU C 124 -26.48 8.44 9.54
CA LEU C 124 -25.68 8.13 8.38
C LEU C 124 -26.58 7.86 7.17
N ASP C 125 -27.64 7.08 7.38
CA ASP C 125 -28.55 6.77 6.28
C ASP C 125 -29.19 8.05 5.74
N GLU C 126 -29.54 8.96 6.63
CA GLU C 126 -30.17 10.21 6.22
C GLU C 126 -29.24 10.94 5.25
N LEU C 127 -27.97 10.98 5.60
CA LEU C 127 -26.96 11.64 4.79
C LEU C 127 -26.77 10.91 3.45
N LEU C 128 -26.68 9.58 3.50
CA LEU C 128 -26.50 8.79 2.29
C LEU C 128 -27.69 8.90 1.33
N ASN C 129 -28.87 9.21 1.86
CA ASN C 129 -30.07 9.32 1.03
C ASN C 129 -30.24 10.75 0.51
N LEU C 130 -29.50 11.68 1.11
CA LEU C 130 -29.53 13.09 0.74
C LEU C 130 -28.74 13.33 -0.55
N ILE C 131 -27.62 12.61 -0.69
CA ILE C 131 -26.76 12.77 -1.84
C ILE C 131 -26.03 11.46 -2.13
N GLN C 132 -25.80 11.16 -3.40
CA GLN C 132 -25.11 9.93 -3.78
C GLN C 132 -23.64 9.97 -3.40
N PHE C 133 -23.24 9.05 -2.52
CA PHE C 133 -21.86 8.98 -2.08
C PHE C 133 -20.99 8.13 -3.00
N ILE C 134 -19.78 8.62 -3.26
CA ILE C 134 -18.81 7.89 -4.07
C ILE C 134 -17.68 7.51 -3.13
N GLY C 135 -17.44 6.21 -2.99
CA GLY C 135 -16.37 5.76 -2.11
C GLY C 135 -15.10 5.46 -2.90
N VAL C 136 -14.03 6.20 -2.62
CA VAL C 136 -12.76 5.98 -3.31
C VAL C 136 -11.97 4.87 -2.65
N LYS C 137 -11.40 3.98 -3.46
CA LYS C 137 -10.60 2.88 -2.94
C LYS C 137 -9.46 2.53 -3.89
N ARG C 138 -8.52 1.72 -3.41
CA ARG C 138 -7.37 1.32 -4.23
C ARG C 138 -7.77 0.24 -5.22
N PRO C 139 -7.11 0.20 -6.39
CA PRO C 139 -7.41 -0.81 -7.42
C PRO C 139 -7.54 -2.17 -6.76
N GLY C 140 -8.64 -2.85 -7.04
CA GLY C 140 -8.88 -4.14 -6.41
C GLY C 140 -9.42 -3.79 -5.04
N PHE C 141 -9.29 -4.70 -4.08
CA PHE C 141 -9.76 -4.44 -2.73
C PHE C 141 -11.27 -4.28 -2.61
N HIS C 142 -11.82 -4.89 -1.58
CA HIS C 142 -13.25 -4.84 -1.35
C HIS C 142 -13.64 -4.18 -0.05
N VAL C 143 -14.62 -3.29 -0.15
CA VAL C 143 -15.17 -2.57 0.98
C VAL C 143 -16.46 -3.31 1.27
N GLU C 144 -16.41 -4.22 2.23
CA GLU C 144 -17.55 -5.04 2.60
C GLU C 144 -18.84 -4.27 2.90
N THR C 145 -19.10 -4.10 4.20
CA THR C 145 -20.30 -3.42 4.71
C THR C 145 -21.20 -2.76 3.68
N PRO C 146 -22.46 -3.24 3.59
CA PRO C 146 -23.49 -2.75 2.67
C PRO C 146 -24.01 -1.34 2.95
N TYR C 147 -23.93 -0.49 1.93
CA TYR C 147 -24.39 0.89 1.97
C TYR C 147 -24.52 1.35 0.53
N PRO C 148 -25.39 2.34 0.27
CA PRO C 148 -25.55 2.82 -1.11
C PRO C 148 -24.25 3.52 -1.45
N LEU C 149 -23.45 2.92 -2.33
CA LEU C 149 -22.17 3.55 -2.64
C LEU C 149 -21.64 3.26 -4.03
N LEU C 150 -21.25 4.31 -4.73
CA LEU C 150 -20.66 4.14 -6.04
C LEU C 150 -19.18 4.11 -5.71
N PHE C 151 -18.43 3.19 -6.32
CA PHE C 151 -17.02 3.10 -6.03
C PHE C 151 -16.14 3.58 -7.16
N ALA C 152 -14.95 4.07 -6.80
CA ALA C 152 -14.00 4.55 -7.77
C ALA C 152 -12.62 4.05 -7.40
N ASP C 153 -12.00 3.30 -8.31
CA ASP C 153 -10.67 2.77 -8.08
C ASP C 153 -9.66 3.83 -8.44
N VAL C 154 -8.86 4.26 -7.48
CA VAL C 154 -7.86 5.28 -7.76
C VAL C 154 -6.47 4.73 -7.43
N PRO C 155 -5.51 4.92 -8.34
CA PRO C 155 -4.14 4.46 -8.12
C PRO C 155 -3.55 5.18 -6.91
N GLU C 156 -2.94 4.42 -6.01
CA GLU C 156 -2.33 4.98 -4.81
C GLU C 156 -1.17 5.92 -5.16
N PHE C 157 -1.25 7.14 -4.64
CA PHE C 157 -0.22 8.16 -4.84
C PHE C 157 -0.05 8.73 -3.44
N GLU C 158 1.03 8.30 -2.77
CA GLU C 158 1.32 8.70 -1.40
C GLU C 158 1.87 10.12 -1.21
N VAL C 159 1.06 11.12 -1.52
CA VAL C 159 1.46 12.50 -1.32
C VAL C 159 0.37 13.09 -0.45
N SER C 160 0.73 14.00 0.44
CA SER C 160 -0.28 14.63 1.30
C SER C 160 0.11 16.07 1.51
N SER C 161 -0.84 16.89 1.93
CA SER C 161 -0.54 18.30 2.16
C SER C 161 0.49 18.41 3.29
N THR C 162 0.35 17.57 4.31
CA THR C 162 1.30 17.62 5.41
C THR C 162 2.72 17.29 4.98
N MET C 163 2.88 16.26 4.16
CA MET C 163 4.22 15.89 3.68
C MET C 163 4.82 17.05 2.89
N ILE C 164 3.97 17.69 2.08
CA ILE C 164 4.42 18.79 1.24
C ILE C 164 4.88 19.97 2.08
N ARG C 165 4.11 20.32 3.11
CA ARG C 165 4.46 21.44 3.99
C ARG C 165 5.82 21.23 4.66
N GLU C 166 6.05 20.03 5.17
CA GLU C 166 7.31 19.74 5.84
C GLU C 166 8.46 19.74 4.83
N ARG C 167 8.20 19.28 3.62
CA ARG C 167 9.24 19.29 2.61
C ARG C 167 9.65 20.72 2.31
N PHE C 168 8.67 21.62 2.21
CA PHE C 168 9.01 23.02 1.94
C PHE C 168 9.79 23.54 3.13
N LYS C 169 9.33 23.22 4.33
CA LYS C 169 9.99 23.69 5.55
C LYS C 169 11.41 23.15 5.65
N SER C 170 11.61 21.88 5.32
CA SER C 170 12.92 21.26 5.41
C SER C 170 13.74 21.47 4.12
N LYS C 171 13.19 22.22 3.17
CA LYS C 171 13.88 22.49 1.91
C LYS C 171 14.15 21.22 1.08
N LYS C 172 13.23 20.27 1.13
CA LYS C 172 13.38 19.05 0.35
C LYS C 172 12.61 19.27 -0.96
N PRO C 173 12.96 18.51 -2.00
CA PRO C 173 12.31 18.62 -3.32
C PRO C 173 10.82 18.36 -3.28
N THR C 174 10.08 19.06 -4.13
CA THR C 174 8.64 18.86 -4.22
C THR C 174 8.27 18.54 -5.66
N ASP C 175 9.28 18.38 -6.52
CA ASP C 175 9.04 18.05 -7.92
C ASP C 175 8.21 16.79 -8.09
N TYR C 176 7.29 16.83 -9.05
CA TYR C 176 6.45 15.71 -9.36
C TYR C 176 5.43 15.41 -8.27
N LEU C 177 5.40 16.25 -7.24
CA LEU C 177 4.44 16.07 -6.15
C LEU C 177 3.40 17.20 -6.16
N ILE C 178 3.79 18.36 -6.67
CA ILE C 178 2.89 19.51 -6.72
C ILE C 178 3.04 20.25 -8.05
N PRO C 179 1.98 20.94 -8.51
CA PRO C 179 2.10 21.66 -9.78
C PRO C 179 3.10 22.80 -9.69
N ASP C 180 3.83 23.03 -10.78
CA ASP C 180 4.82 24.09 -10.86
C ASP C 180 4.25 25.45 -10.46
N LYS C 181 3.03 25.73 -10.89
CA LYS C 181 2.40 27.01 -10.58
C LYS C 181 2.14 27.15 -9.09
N VAL C 182 1.84 26.04 -8.44
CA VAL C 182 1.57 26.05 -7.01
C VAL C 182 2.90 26.29 -6.29
N LYS C 183 3.95 25.63 -6.76
CA LYS C 183 5.28 25.79 -6.17
C LYS C 183 5.72 27.25 -6.29
N LYS C 184 5.54 27.83 -7.48
CA LYS C 184 5.91 29.22 -7.72
C LYS C 184 5.15 30.18 -6.81
N TYR C 185 3.86 29.90 -6.58
CA TYR C 185 3.03 30.73 -5.72
C TYR C 185 3.49 30.62 -4.26
N VAL C 186 3.91 29.41 -3.88
CA VAL C 186 4.37 29.15 -2.52
C VAL C 186 5.64 29.93 -2.22
N GLU C 187 6.57 29.91 -3.16
CA GLU C 187 7.85 30.58 -3.02
C GLU C 187 7.70 32.10 -2.99
N GLU C 188 6.86 32.63 -3.87
CA GLU C 188 6.66 34.08 -3.93
C GLU C 188 6.01 34.65 -2.68
N ASN C 189 5.14 33.87 -2.04
CA ASN C 189 4.46 34.35 -0.84
C ASN C 189 5.06 33.90 0.50
N GLY C 190 6.29 33.41 0.46
CA GLY C 190 6.98 32.97 1.66
C GLY C 190 6.22 31.98 2.52
N LEU C 191 5.40 31.14 1.90
CA LEU C 191 4.62 30.14 2.62
C LEU C 191 5.42 28.91 3.01
N TYR C 192 4.95 28.21 4.04
CA TYR C 192 5.58 26.98 4.52
C TYR C 192 7.09 27.13 4.66
N GLU C 193 7.50 28.24 5.25
CA GLU C 193 8.91 28.53 5.46
C GLU C 193 9.35 27.95 6.81
N SER D 6 35.37 13.48 -10.55
CA SER D 6 34.52 12.26 -10.43
C SER D 6 33.11 12.57 -9.96
N LYS D 7 32.13 12.22 -10.78
CA LYS D 7 30.73 12.45 -10.44
C LYS D 7 30.13 11.23 -9.75
N LYS D 8 28.99 11.44 -9.12
CA LYS D 8 28.25 10.36 -8.46
C LYS D 8 27.06 10.19 -9.39
N ILE D 9 27.04 9.07 -10.10
CA ILE D 9 25.97 8.81 -11.07
C ILE D 9 25.00 7.69 -10.66
N GLY D 10 23.71 8.00 -10.76
CA GLY D 10 22.70 7.01 -10.44
C GLY D 10 22.24 6.42 -11.76
N ILE D 11 22.36 5.11 -11.90
CA ILE D 11 21.95 4.42 -13.12
C ILE D 11 20.50 3.97 -12.96
N PHE D 12 19.64 4.39 -13.87
CA PHE D 12 18.23 4.05 -13.81
C PHE D 12 17.80 3.20 -15.01
N GLY D 13 17.84 1.88 -14.86
CA GLY D 13 17.43 1.02 -15.96
C GLY D 13 15.93 0.92 -16.05
N GLY D 14 15.42 0.63 -17.25
CA GLY D 14 14.00 0.50 -17.45
C GLY D 14 13.60 0.28 -18.90
N THR D 15 12.33 -0.04 -19.13
CA THR D 15 11.84 -0.26 -20.48
C THR D 15 11.29 1.06 -20.98
N PHE D 16 10.80 1.86 -20.04
CA PHE D 16 10.25 3.18 -20.33
C PHE D 16 9.34 3.22 -21.56
N ASP D 17 8.31 2.38 -21.59
CA ASP D 17 7.41 2.44 -22.72
C ASP D 17 5.96 2.41 -22.23
N PRO D 18 5.45 3.57 -21.85
CA PRO D 18 6.25 4.81 -21.89
C PRO D 18 6.80 5.19 -20.53
N PRO D 19 7.62 6.25 -20.50
CA PRO D 19 8.21 6.76 -19.27
C PRO D 19 7.03 7.47 -18.58
N HIS D 20 6.97 7.42 -17.26
CA HIS D 20 5.87 8.06 -16.56
C HIS D 20 6.33 8.85 -15.34
N ASN D 21 5.38 9.50 -14.67
CA ASN D 21 5.69 10.31 -13.51
C ASN D 21 6.31 9.50 -12.39
N GLY D 22 5.96 8.22 -12.32
CA GLY D 22 6.53 7.36 -11.30
C GLY D 22 8.04 7.30 -11.48
N HIS D 23 8.49 7.22 -12.74
CA HIS D 23 9.92 7.17 -13.03
C HIS D 23 10.62 8.46 -12.58
N LEU D 24 10.02 9.60 -12.92
CA LEU D 24 10.61 10.89 -12.59
C LEU D 24 10.71 11.08 -11.08
N LEU D 25 9.63 10.75 -10.39
CA LEU D 25 9.60 10.89 -8.94
C LEU D 25 10.70 10.02 -8.29
N MET D 26 10.76 8.74 -8.67
CA MET D 26 11.76 7.84 -8.10
C MET D 26 13.17 8.39 -8.34
N ALA D 27 13.44 8.83 -9.57
CA ALA D 27 14.75 9.37 -9.91
C ALA D 27 15.13 10.61 -9.09
N ASN D 28 14.19 11.54 -8.99
CA ASN D 28 14.41 12.78 -8.25
C ASN D 28 14.70 12.50 -6.78
N GLU D 29 13.96 11.54 -6.22
CA GLU D 29 14.13 11.18 -4.81
C GLU D 29 15.48 10.50 -4.58
N VAL D 30 15.87 9.60 -5.47
CA VAL D 30 17.15 8.92 -5.33
C VAL D 30 18.24 10.00 -5.47
N LEU D 31 18.09 10.84 -6.50
CA LEU D 31 19.04 11.90 -6.76
C LEU D 31 19.37 12.71 -5.52
N TYR D 32 18.32 13.27 -4.91
CA TYR D 32 18.46 14.09 -3.72
C TYR D 32 18.81 13.30 -2.45
N GLN D 33 18.03 12.29 -2.13
CA GLN D 33 18.28 11.54 -0.90
C GLN D 33 19.64 10.88 -0.80
N ALA D 34 20.21 10.47 -1.92
CA ALA D 34 21.53 9.82 -1.92
C ALA D 34 22.62 10.82 -2.27
N GLY D 35 22.23 12.08 -2.45
CA GLY D 35 23.19 13.12 -2.77
C GLY D 35 24.03 12.88 -4.02
N LEU D 36 23.37 12.48 -5.12
CA LEU D 36 24.08 12.22 -6.37
C LEU D 36 24.12 13.47 -7.22
N ASP D 37 24.91 13.45 -8.30
CA ASP D 37 25.02 14.60 -9.20
C ASP D 37 24.06 14.47 -10.38
N GLU D 38 23.96 13.26 -10.93
CA GLU D 38 23.08 13.03 -12.05
C GLU D 38 22.42 11.67 -11.96
N ILE D 39 21.33 11.52 -12.69
CA ILE D 39 20.62 10.24 -12.78
C ILE D 39 20.61 9.96 -14.27
N TRP D 40 21.06 8.77 -14.66
CA TRP D 40 21.07 8.41 -16.07
C TRP D 40 19.98 7.41 -16.42
N PHE D 41 18.99 7.84 -17.20
CA PHE D 41 17.92 6.95 -17.63
C PHE D 41 18.50 6.07 -18.74
N MET D 42 18.42 4.75 -18.53
CA MET D 42 18.99 3.78 -19.47
C MET D 42 17.99 2.81 -20.07
N PRO D 43 17.41 3.15 -21.22
CA PRO D 43 16.42 2.27 -21.87
C PRO D 43 17.04 0.93 -22.27
N ASN D 44 16.45 -0.18 -21.85
CA ASN D 44 16.99 -1.47 -22.27
C ASN D 44 16.51 -1.66 -23.71
N GLN D 45 17.18 -2.50 -24.49
CA GLN D 45 16.75 -2.64 -25.88
C GLN D 45 16.10 -3.95 -26.28
N ILE D 46 16.71 -5.07 -25.91
CA ILE D 46 16.20 -6.41 -26.25
C ILE D 46 16.69 -6.89 -27.61
N THR D 56 7.50 -1.48 -27.96
CA THR D 56 7.62 -0.26 -28.75
C THR D 56 9.05 -0.10 -29.26
N ASP D 57 9.19 0.37 -30.50
CA ASP D 57 10.51 0.56 -31.08
C ASP D 57 11.37 1.55 -30.31
N SER D 58 12.65 1.22 -30.17
CA SER D 58 13.60 2.05 -29.44
C SER D 58 13.47 3.53 -29.75
N PHE D 59 13.37 3.84 -31.03
CA PHE D 59 13.24 5.23 -31.46
C PHE D 59 12.21 6.02 -30.66
N HIS D 60 10.97 5.52 -30.63
CA HIS D 60 9.90 6.21 -29.91
C HIS D 60 10.19 6.30 -28.42
N ARG D 61 10.61 5.19 -27.81
CA ARG D 61 10.92 5.22 -26.39
C ARG D 61 11.99 6.26 -26.10
N VAL D 62 12.99 6.37 -26.99
CA VAL D 62 14.05 7.37 -26.81
C VAL D 62 13.48 8.78 -26.93
N GLU D 63 12.59 9.00 -27.90
CA GLU D 63 11.99 10.32 -28.05
C GLU D 63 11.09 10.65 -26.85
N MET D 64 10.31 9.68 -26.39
CA MET D 64 9.44 9.94 -25.24
C MET D 64 10.29 10.25 -23.99
N LEU D 65 11.43 9.57 -23.85
CA LEU D 65 12.30 9.79 -22.70
C LEU D 65 12.91 11.19 -22.64
N LYS D 66 13.31 11.71 -23.79
CA LYS D 66 13.89 13.04 -23.85
C LYS D 66 12.86 14.03 -23.32
N LEU D 67 11.64 13.92 -23.84
CA LEU D 67 10.56 14.80 -23.43
C LEU D 67 10.32 14.69 -21.92
N ALA D 68 10.23 13.46 -21.44
CA ALA D 68 10.00 13.24 -20.01
C ALA D 68 11.01 13.93 -19.11
N ILE D 69 12.30 13.75 -19.40
CA ILE D 69 13.35 14.34 -18.57
C ILE D 69 13.79 15.78 -18.84
N GLN D 70 13.45 16.32 -20.01
CA GLN D 70 13.83 17.68 -20.39
C GLN D 70 13.84 18.78 -19.33
N SER D 71 12.77 18.87 -18.55
CA SER D 71 12.65 19.90 -17.53
C SER D 71 13.57 19.76 -16.33
N ASN D 72 14.20 18.60 -16.17
CA ASN D 72 15.08 18.38 -15.01
C ASN D 72 16.53 18.30 -15.45
N PRO D 73 17.34 19.31 -15.07
CA PRO D 73 18.76 19.45 -15.37
C PRO D 73 19.67 18.30 -14.93
N SER D 74 19.28 17.58 -13.87
CA SER D 74 20.10 16.49 -13.36
C SER D 74 19.81 15.14 -13.99
N PHE D 75 18.85 15.10 -14.90
CA PHE D 75 18.50 13.87 -15.57
C PHE D 75 19.14 13.84 -16.94
N LYS D 76 19.64 12.68 -17.33
CA LYS D 76 20.26 12.53 -18.63
C LYS D 76 19.88 11.19 -19.25
N LEU D 77 19.88 11.17 -20.57
CA LEU D 77 19.57 9.97 -21.31
C LEU D 77 20.91 9.35 -21.68
N GLU D 78 21.03 8.04 -21.50
CA GLU D 78 22.26 7.34 -21.82
C GLU D 78 21.87 6.08 -22.58
N LEU D 79 22.37 5.97 -23.81
CA LEU D 79 22.04 4.83 -24.67
C LEU D 79 23.13 3.76 -24.74
N VAL D 80 23.91 3.60 -23.68
CA VAL D 80 24.99 2.60 -23.69
C VAL D 80 24.48 1.18 -23.88
N GLU D 81 23.32 0.87 -23.31
CA GLU D 81 22.76 -0.47 -23.41
C GLU D 81 22.34 -0.75 -24.85
N MET D 82 22.34 0.30 -25.67
CA MET D 82 21.96 0.21 -27.08
C MET D 82 23.20 0.12 -27.95
N GLU D 83 24.36 0.34 -27.35
CA GLU D 83 25.62 0.32 -28.06
C GLU D 83 26.53 -0.77 -27.50
N ARG D 84 25.93 -1.78 -26.88
CA ARG D 84 26.69 -2.87 -26.29
C ARG D 84 27.29 -3.81 -27.33
N GLU D 85 26.80 -3.75 -28.56
CA GLU D 85 27.33 -4.59 -29.64
C GLU D 85 28.44 -3.91 -30.43
N GLY D 86 29.62 -4.52 -30.42
CA GLY D 86 30.75 -4.00 -31.17
C GLY D 86 31.13 -5.03 -32.22
N PRO D 87 30.11 -5.74 -32.76
CA PRO D 87 30.06 -6.80 -33.76
C PRO D 87 30.89 -8.11 -33.66
N SER D 88 31.74 -8.20 -32.65
CA SER D 88 32.54 -9.41 -32.41
C SER D 88 32.37 -9.80 -30.94
N TYR D 89 32.09 -8.79 -30.13
CA TYR D 89 31.89 -8.98 -28.71
C TYR D 89 30.78 -8.07 -28.21
N THR D 90 29.92 -8.60 -27.36
CA THR D 90 28.83 -7.81 -26.80
C THR D 90 29.07 -7.62 -25.31
N PHE D 91 29.15 -6.36 -24.89
CA PHE D 91 29.37 -6.01 -23.48
C PHE D 91 28.00 -5.96 -22.81
N ASP D 92 27.98 -6.09 -21.48
CA ASP D 92 26.72 -5.92 -20.79
C ASP D 92 26.82 -4.45 -20.45
N THR D 93 25.72 -3.84 -20.00
CA THR D 93 25.72 -2.42 -19.69
C THR D 93 26.71 -1.97 -18.63
N VAL D 94 26.75 -2.69 -17.52
CA VAL D 94 27.65 -2.35 -16.43
C VAL D 94 29.10 -2.29 -16.90
N SER D 95 29.54 -3.29 -17.66
CA SER D 95 30.91 -3.31 -18.16
C SER D 95 31.26 -2.16 -19.09
N LEU D 96 30.37 -1.83 -20.01
CA LEU D 96 30.66 -0.75 -20.94
C LEU D 96 30.73 0.58 -20.20
N LEU D 97 29.89 0.72 -19.17
CA LEU D 97 29.88 1.94 -18.36
C LEU D 97 31.21 2.16 -17.65
N LYS D 98 31.72 1.11 -16.99
CA LYS D 98 32.99 1.21 -16.26
C LYS D 98 34.10 1.45 -17.27
N GLN D 99 33.90 0.88 -18.45
CA GLN D 99 34.81 1.00 -19.57
C GLN D 99 34.86 2.49 -19.99
N ARG D 100 33.70 3.12 -20.07
CA ARG D 100 33.63 4.52 -20.48
C ARG D 100 33.83 5.56 -19.36
N TYR D 101 33.47 5.22 -18.14
CA TYR D 101 33.62 6.14 -17.04
C TYR D 101 34.25 5.45 -15.83
N PRO D 102 35.48 4.97 -15.97
CA PRO D 102 36.21 4.26 -14.91
C PRO D 102 36.41 4.99 -13.59
N ASN D 103 36.43 6.32 -13.61
CA ASN D 103 36.66 7.07 -12.39
C ASN D 103 35.39 7.60 -11.70
N ASP D 104 34.25 7.51 -12.37
CA ASP D 104 33.01 8.00 -11.77
C ASP D 104 32.43 7.01 -10.76
N GLN D 105 31.64 7.51 -9.83
CA GLN D 105 31.00 6.65 -8.84
C GLN D 105 29.64 6.27 -9.38
N LEU D 106 29.49 5.01 -9.78
CA LEU D 106 28.24 4.52 -10.33
C LEU D 106 27.39 3.85 -9.26
N PHE D 107 26.18 4.39 -9.05
CA PHE D 107 25.26 3.83 -8.07
C PHE D 107 24.09 3.16 -8.78
N PHE D 108 23.91 1.87 -8.55
CA PHE D 108 22.81 1.14 -9.18
C PHE D 108 21.65 1.07 -8.20
N ILE D 109 20.44 1.07 -8.74
CA ILE D 109 19.24 1.08 -7.91
C ILE D 109 18.58 -0.28 -7.73
N ILE D 110 18.39 -0.65 -6.46
CA ILE D 110 17.80 -1.93 -6.11
C ILE D 110 16.41 -1.75 -5.46
N GLY D 111 15.42 -2.44 -6.00
CA GLY D 111 14.08 -2.35 -5.44
C GLY D 111 14.05 -3.16 -4.16
N ALA D 112 13.44 -2.61 -3.10
CA ALA D 112 13.32 -3.31 -1.82
C ALA D 112 11.99 -2.88 -1.22
N ASP D 113 10.96 -2.85 -2.04
CA ASP D 113 9.66 -2.41 -1.57
C ASP D 113 8.59 -3.50 -1.48
N MET D 114 8.95 -4.73 -1.82
CA MET D 114 8.00 -5.83 -1.78
C MET D 114 8.30 -6.79 -0.62
N ILE D 115 9.58 -7.03 -0.38
CA ILE D 115 10.05 -7.93 0.67
C ILE D 115 10.86 -7.23 1.75
N GLU D 116 10.73 -7.75 2.96
CA GLU D 116 11.41 -7.24 4.16
C GLU D 116 12.93 -7.39 4.09
N TYR D 117 13.39 -8.45 3.45
CA TYR D 117 14.82 -8.76 3.37
C TYR D 117 15.43 -8.63 1.98
N LEU D 118 16.68 -8.20 1.95
CA LEU D 118 17.41 -8.05 0.70
C LEU D 118 18.66 -8.92 0.84
N PRO D 119 18.75 -10.00 0.04
CA PRO D 119 19.89 -10.93 0.07
C PRO D 119 21.23 -10.36 -0.41
N LYS D 120 22.30 -10.99 0.04
CA LYS D 120 23.64 -10.59 -0.36
C LYS D 120 23.92 -11.35 -1.65
N TRP D 121 23.21 -10.97 -2.70
CA TRP D 121 23.33 -11.61 -4.01
C TRP D 121 24.52 -11.16 -4.85
N TYR D 122 25.14 -10.05 -4.50
CA TYR D 122 26.28 -9.55 -5.27
C TYR D 122 27.53 -9.35 -4.45
N LYS D 123 28.65 -9.79 -4.97
CA LYS D 123 29.93 -9.63 -4.29
C LYS D 123 30.50 -8.27 -4.68
N LEU D 124 30.26 -7.27 -3.83
CA LEU D 124 30.75 -5.92 -4.08
C LEU D 124 31.87 -5.58 -3.13
N LEU D 130 33.95 1.68 -6.67
CA LEU D 130 33.40 2.32 -7.86
C LEU D 130 31.94 1.96 -8.11
N ILE D 131 31.55 0.75 -7.73
CA ILE D 131 30.17 0.33 -7.92
C ILE D 131 29.49 0.24 -6.57
N GLN D 132 28.36 0.93 -6.46
CA GLN D 132 27.60 0.93 -5.23
C GLN D 132 26.13 0.78 -5.57
N PHE D 133 25.33 0.52 -4.55
CA PHE D 133 23.91 0.33 -4.73
C PHE D 133 23.14 1.24 -3.83
N ILE D 134 21.89 1.49 -4.19
CA ILE D 134 20.99 2.33 -3.43
C ILE D 134 19.65 1.63 -3.44
N GLY D 135 19.05 1.45 -2.28
CA GLY D 135 17.76 0.79 -2.24
C GLY D 135 16.62 1.79 -2.27
N VAL D 136 15.51 1.42 -2.90
CA VAL D 136 14.34 2.29 -2.94
C VAL D 136 13.18 1.54 -2.30
N LYS D 137 12.51 2.21 -1.37
CA LYS D 137 11.38 1.61 -0.67
C LYS D 137 10.48 2.73 -0.18
N ARG D 138 9.24 2.39 0.15
CA ARG D 138 8.30 3.38 0.67
C ARG D 138 8.78 3.84 2.03
N PRO D 139 8.48 5.09 2.41
CA PRO D 139 8.91 5.55 3.72
C PRO D 139 8.19 4.73 4.79
N GLY D 140 8.91 4.30 5.82
CA GLY D 140 8.29 3.50 6.86
C GLY D 140 8.47 2.01 6.63
N PHE D 141 8.60 1.60 5.37
CA PHE D 141 8.80 0.19 5.08
C PHE D 141 10.19 -0.17 5.60
N HIS D 142 10.24 -1.11 6.54
CA HIS D 142 11.51 -1.52 7.14
C HIS D 142 12.15 -2.64 6.34
N VAL D 143 13.42 -2.45 6.01
CA VAL D 143 14.16 -3.44 5.24
C VAL D 143 15.45 -3.83 5.96
N GLU D 144 15.72 -5.13 6.05
CA GLU D 144 16.95 -5.59 6.69
C GLU D 144 17.83 -6.21 5.65
N THR D 145 19.13 -5.97 5.74
CA THR D 145 20.05 -6.54 4.78
C THR D 145 21.46 -6.58 5.33
N PRO D 146 22.24 -7.61 4.96
CA PRO D 146 23.61 -7.72 5.45
C PRO D 146 24.47 -6.61 4.83
N TYR D 147 23.91 -5.97 3.80
CA TYR D 147 24.57 -4.88 3.09
C TYR D 147 24.48 -3.56 3.85
N PRO D 148 25.59 -2.79 3.90
CA PRO D 148 25.61 -1.50 4.59
C PRO D 148 25.08 -0.51 3.54
N LEU D 149 23.83 -0.71 3.16
CA LEU D 149 23.17 0.06 2.10
C LEU D 149 22.36 1.31 2.46
N LEU D 150 22.48 2.33 1.61
CA LEU D 150 21.72 3.57 1.79
C LEU D 150 20.39 3.37 1.07
N PHE D 151 19.29 3.75 1.73
CA PHE D 151 17.98 3.62 1.12
C PHE D 151 17.36 4.98 0.84
N ALA D 152 16.57 5.05 -0.21
CA ALA D 152 15.87 6.29 -0.55
C ALA D 152 14.41 5.97 -0.27
N ASP D 153 13.75 6.83 0.50
CA ASP D 153 12.35 6.65 0.81
C ASP D 153 11.51 7.35 -0.25
N VAL D 154 11.06 6.57 -1.24
CA VAL D 154 10.27 7.08 -2.35
C VAL D 154 8.79 6.89 -2.09
N PRO D 155 8.01 7.99 -2.10
CA PRO D 155 6.57 7.86 -1.85
C PRO D 155 5.97 6.88 -2.85
N GLU D 156 5.01 6.08 -2.40
CA GLU D 156 4.38 5.13 -3.30
C GLU D 156 3.60 5.86 -4.40
N PHE D 157 3.69 5.32 -5.62
CA PHE D 157 2.98 5.87 -6.78
C PHE D 157 2.67 4.63 -7.62
N GLU D 158 1.45 4.16 -7.51
CA GLU D 158 0.97 2.96 -8.19
C GLU D 158 0.73 3.17 -9.68
N VAL D 159 1.79 3.46 -10.42
CA VAL D 159 1.68 3.69 -11.86
C VAL D 159 2.80 2.94 -12.58
N SER D 160 2.49 2.29 -13.70
CA SER D 160 3.50 1.55 -14.45
C SER D 160 3.27 1.73 -15.95
N SER D 161 4.27 1.37 -16.75
CA SER D 161 4.17 1.50 -18.20
C SER D 161 3.02 0.64 -18.72
N THR D 162 3.00 -0.62 -18.28
CA THR D 162 1.96 -1.56 -18.70
C THR D 162 0.58 -0.97 -18.45
N MET D 163 0.38 -0.46 -17.24
CA MET D 163 -0.89 0.14 -16.84
C MET D 163 -1.26 1.32 -17.76
N ILE D 164 -0.26 2.14 -18.08
CA ILE D 164 -0.48 3.28 -18.95
C ILE D 164 -0.80 2.86 -20.40
N ARG D 165 -0.09 1.87 -20.93
CA ARG D 165 -0.37 1.40 -22.28
C ARG D 165 -1.84 0.96 -22.36
N GLU D 166 -2.29 0.19 -21.38
CA GLU D 166 -3.66 -0.28 -21.33
C GLU D 166 -4.66 0.87 -21.32
N ARG D 167 -4.36 1.91 -20.54
CA ARG D 167 -5.25 3.05 -20.47
C ARG D 167 -5.35 3.73 -21.83
N PHE D 168 -4.24 3.82 -22.55
CA PHE D 168 -4.25 4.45 -23.87
C PHE D 168 -5.10 3.64 -24.83
N LYS D 169 -4.95 2.32 -24.76
CA LYS D 169 -5.68 1.41 -25.62
C LYS D 169 -7.18 1.44 -25.40
N SER D 170 -7.59 1.48 -24.13
CA SER D 170 -9.01 1.51 -23.77
C SER D 170 -9.60 2.91 -23.65
N LYS D 171 -8.83 3.92 -24.06
CA LYS D 171 -9.27 5.31 -24.02
C LYS D 171 -9.49 5.85 -22.61
N LYS D 172 -8.79 5.30 -21.62
CA LYS D 172 -8.92 5.77 -20.25
C LYS D 172 -7.95 6.94 -20.04
N PRO D 173 -8.19 7.78 -19.02
CA PRO D 173 -7.30 8.92 -18.75
C PRO D 173 -5.86 8.57 -18.45
N THR D 174 -4.97 9.52 -18.73
CA THR D 174 -3.55 9.37 -18.44
C THR D 174 -3.06 10.64 -17.76
N ASP D 175 -3.94 11.61 -17.58
CA ASP D 175 -3.58 12.89 -16.93
C ASP D 175 -3.06 12.63 -15.52
N TYR D 176 -1.98 13.34 -15.17
CA TYR D 176 -1.31 13.27 -13.86
C TYR D 176 -0.50 11.98 -13.64
N LEU D 177 -0.48 11.11 -14.66
CA LEU D 177 0.27 9.86 -14.58
C LEU D 177 1.52 9.92 -15.46
N ILE D 178 1.45 10.70 -16.55
CA ILE D 178 2.57 10.86 -17.47
C ILE D 178 2.71 12.34 -17.84
N PRO D 179 3.92 12.76 -18.27
CA PRO D 179 4.06 14.17 -18.65
C PRO D 179 3.14 14.45 -19.84
N ASP D 180 2.55 15.63 -19.89
CA ASP D 180 1.67 15.98 -21.00
C ASP D 180 2.38 15.85 -22.36
N LYS D 181 3.66 16.18 -22.40
CA LYS D 181 4.41 16.09 -23.66
C LYS D 181 4.58 14.66 -24.12
N VAL D 182 4.58 13.72 -23.18
CA VAL D 182 4.71 12.31 -23.54
C VAL D 182 3.35 11.88 -24.11
N LYS D 183 2.28 12.32 -23.44
CA LYS D 183 0.94 12.00 -23.90
C LYS D 183 0.75 12.56 -25.32
N LYS D 184 1.18 13.80 -25.50
CA LYS D 184 1.08 14.45 -26.81
C LYS D 184 1.82 13.64 -27.89
N TYR D 185 2.98 13.12 -27.53
CA TYR D 185 3.79 12.35 -28.47
C TYR D 185 3.15 11.01 -28.80
N VAL D 186 2.49 10.39 -27.81
CA VAL D 186 1.83 9.11 -28.01
C VAL D 186 0.65 9.25 -28.98
N GLU D 187 -0.15 10.28 -28.75
CA GLU D 187 -1.34 10.53 -29.56
C GLU D 187 -1.03 10.80 -31.03
N GLU D 188 -0.10 11.70 -31.32
CA GLU D 188 0.18 12.00 -32.71
C GLU D 188 1.07 11.02 -33.45
N ASN D 189 1.59 10.01 -32.75
CA ASN D 189 2.39 8.99 -33.40
C ASN D 189 1.59 7.68 -33.42
N GLY D 190 0.33 7.79 -33.01
CA GLY D 190 -0.56 6.63 -32.99
C GLY D 190 -0.02 5.43 -32.22
N LEU D 191 0.68 5.71 -31.12
CA LEU D 191 1.26 4.65 -30.30
C LEU D 191 0.25 4.04 -29.34
N TYR D 192 0.48 2.79 -28.98
CA TYR D 192 -0.38 2.06 -28.05
C TYR D 192 -1.83 1.96 -28.53
N GLU D 193 -1.97 1.52 -29.77
CA GLU D 193 -3.26 1.32 -30.42
C GLU D 193 -4.22 2.48 -30.20
#